data_6NTV
#
_entry.id   6NTV
#
_cell.length_a   82.732
_cell.length_b   82.732
_cell.length_c   229.089
_cell.angle_alpha   90.00
_cell.angle_beta   90.00
_cell.angle_gamma   90.00
#
_symmetry.space_group_name_H-M   'P 43 21 2'
#
loop_
_entity.id
_entity.type
_entity.pdbx_description
1 polymer 'RNA polymerase'
2 water water
#
_entity_poly.entity_id   1
_entity_poly.type   'polypeptide(L)'
_entity_poly.pdbx_seq_one_letter_code
;(MSE)NLEVLCGRINVENGLSLGEPGLYDQIYDRPGLPDLDVTVDATGVTVDIGAVPDSASQLGSSINAGLITIQLSEAY
KINHDFTFSGLSKTTDRRLSEVFPITHDGSDG(MSE)TPDVIHTRLDGTIVVVEFSTTRSHNIGGLEAAYRTKIEKYRDP
ISRRVDI(MSE)ENPRVFFGVIVVSSGGVLSN(MSE)PLTQDEAEEL(MSE)YRFCIANEIYTKARS(MSE)DADIELQK
SEEELEAISR
;
_entity_poly.pdbx_strand_id   A,B,C
#
# COMPACT_ATOMS: atom_id res chain seq x y z
N ASN A 2 -16.59 12.10 -14.62
CA ASN A 2 -17.16 11.16 -15.59
C ASN A 2 -16.34 9.87 -15.61
N LEU A 3 -17.04 8.74 -15.68
CA LEU A 3 -16.39 7.44 -15.61
C LEU A 3 -15.68 7.07 -16.91
N GLU A 4 -16.29 7.38 -18.06
CA GLU A 4 -15.64 7.08 -19.33
C GLU A 4 -14.37 7.88 -19.51
N VAL A 5 -14.40 9.17 -19.13
CA VAL A 5 -13.20 10.00 -19.23
C VAL A 5 -12.08 9.41 -18.40
N LEU A 6 -12.39 9.02 -17.16
CA LEU A 6 -11.38 8.41 -16.29
C LEU A 6 -10.82 7.13 -16.90
N CYS A 7 -11.70 6.24 -17.37
CA CYS A 7 -11.24 4.97 -17.93
C CYS A 7 -10.44 5.17 -19.22
N GLY A 8 -10.62 6.31 -19.90
CA GLY A 8 -9.84 6.59 -21.08
C GLY A 8 -8.38 6.98 -20.82
N ARG A 9 -8.01 7.21 -19.56
CA ARG A 9 -6.68 7.71 -19.23
C ARG A 9 -5.64 6.62 -19.00
N ILE A 10 -5.99 5.36 -19.19
CA ILE A 10 -5.07 4.25 -18.99
C ILE A 10 -4.89 3.52 -20.31
N ASN A 11 -3.73 2.90 -20.49
CA ASN A 11 -3.48 2.11 -21.69
C ASN A 11 -2.92 0.76 -21.30
N VAL A 12 -3.58 -0.32 -21.69
CA VAL A 12 -3.06 -1.68 -21.50
C VAL A 12 -2.90 -2.31 -22.88
N GLU A 13 -1.64 -2.66 -23.24
CA GLU A 13 -1.34 -3.22 -24.56
C GLU A 13 -1.75 -4.69 -24.72
N ASN A 14 -1.25 -5.56 -23.85
CA ASN A 14 -1.62 -7.00 -23.88
C ASN A 14 -1.67 -7.56 -22.47
N GLY A 15 -2.70 -8.29 -22.08
CA GLY A 15 -2.69 -8.93 -20.77
C GLY A 15 -3.36 -8.11 -19.69
N LEU A 16 -2.92 -8.29 -18.45
CA LEU A 16 -3.48 -7.61 -17.29
C LEU A 16 -2.46 -6.59 -16.77
N SER A 17 -2.88 -5.34 -16.67
CA SER A 17 -2.03 -4.28 -16.14
C SER A 17 -2.57 -3.75 -14.82
N LEU A 18 -1.64 -3.56 -13.87
CA LEU A 18 -1.91 -2.90 -12.60
C LEU A 18 -1.39 -1.48 -12.56
N GLY A 19 -0.97 -0.93 -13.71
CA GLY A 19 -0.60 0.47 -13.84
C GLY A 19 0.57 0.87 -12.95
N GLU A 20 0.59 2.16 -12.59
CA GLU A 20 1.61 2.72 -11.71
C GLU A 20 0.88 3.49 -10.62
N PRO A 21 1.09 3.18 -9.35
CA PRO A 21 0.48 3.98 -8.28
C PRO A 21 1.04 5.39 -8.22
N GLY A 22 0.15 6.35 -8.07
CA GLY A 22 0.53 7.74 -7.88
C GLY A 22 -0.13 8.33 -6.65
N LEU A 23 0.65 9.12 -5.91
CA LEU A 23 0.20 9.77 -4.69
C LEU A 23 -0.15 11.22 -4.97
N TYR A 24 -1.29 11.66 -4.47
CA TYR A 24 -1.76 13.04 -4.55
C TYR A 24 -1.93 13.53 -3.12
N ASP A 25 -0.94 14.26 -2.61
CA ASP A 25 -1.06 14.80 -1.26
C ASP A 25 -2.00 16.01 -1.25
N GLN A 26 -2.59 16.26 -0.08
CA GLN A 26 -3.47 17.40 0.08
C GLN A 26 -2.65 18.69 0.13
N ILE A 27 -2.88 19.57 -0.84
CA ILE A 27 -2.11 20.81 -0.93
C ILE A 27 -2.97 22.05 -1.15
N TYR A 28 -4.20 21.94 -1.65
CA TYR A 28 -5.02 23.13 -1.88
C TYR A 28 -5.34 23.84 -0.57
N ASP A 29 -5.59 25.14 -0.67
CA ASP A 29 -6.16 25.88 0.44
C ASP A 29 -7.63 25.45 0.56
N ARG A 30 -7.88 24.52 1.46
CA ARG A 30 -9.16 23.84 1.55
C ARG A 30 -10.16 24.67 2.37
N PRO A 31 -11.39 24.81 1.89
CA PRO A 31 -12.43 25.46 2.69
C PRO A 31 -12.86 24.57 3.85
N GLY A 32 -13.53 25.19 4.81
CA GLY A 32 -14.14 24.45 5.89
C GLY A 32 -15.27 23.54 5.39
N LEU A 33 -15.68 22.64 6.26
CA LEU A 33 -16.79 21.77 5.92
C LEU A 33 -18.09 22.57 5.88
N PRO A 34 -19.06 22.16 5.07
CA PRO A 34 -20.39 22.78 5.16
C PRO A 34 -21.08 22.37 6.45
N ASP A 35 -22.06 23.18 6.85
CA ASP A 35 -22.90 22.78 7.98
C ASP A 35 -23.54 21.44 7.67
N LEU A 36 -23.45 20.52 8.62
CA LEU A 36 -24.00 19.18 8.48
C LEU A 36 -24.80 18.86 9.73
N ASP A 37 -26.11 18.70 9.57
CA ASP A 37 -26.96 18.26 10.67
C ASP A 37 -27.47 16.86 10.37
N VAL A 38 -27.21 15.94 11.29
CA VAL A 38 -27.44 14.52 11.07
C VAL A 38 -28.41 14.02 12.13
N THR A 39 -29.46 13.35 11.69
CA THR A 39 -30.45 12.78 12.62
C THR A 39 -30.53 11.31 12.29
N VAL A 40 -30.46 10.44 13.28
CA VAL A 40 -30.52 8.99 12.97
C VAL A 40 -31.79 8.41 13.58
N ASP A 41 -32.54 7.67 12.77
CA ASP A 41 -33.73 6.97 13.29
C ASP A 41 -33.94 5.70 12.47
N ALA A 42 -34.97 4.91 12.78
CA ALA A 42 -35.25 3.64 12.09
C ALA A 42 -35.44 3.82 10.57
N THR A 43 -35.95 4.95 10.10
CA THR A 43 -36.01 5.16 8.64
C THR A 43 -34.57 5.13 8.09
N GLY A 44 -33.62 5.77 8.75
CA GLY A 44 -32.27 5.81 8.19
C GLY A 44 -31.53 7.05 8.65
N VAL A 45 -30.59 7.53 7.84
CA VAL A 45 -29.83 8.70 8.32
C VAL A 45 -30.29 9.90 7.51
N THR A 46 -30.67 10.98 8.17
CA THR A 46 -31.09 12.17 7.44
C THR A 46 -30.04 13.25 7.65
N VAL A 47 -29.53 13.78 6.56
CA VAL A 47 -28.47 14.79 6.60
C VAL A 47 -28.96 16.04 5.91
N ASP A 48 -28.76 17.18 6.58
CA ASP A 48 -28.99 18.50 6.00
C ASP A 48 -27.62 19.13 5.80
N ILE A 49 -27.24 19.27 4.54
CA ILE A 49 -25.93 19.78 4.14
C ILE A 49 -26.10 21.25 3.76
N GLY A 50 -25.40 22.12 4.46
CA GLY A 50 -25.39 23.52 4.11
C GLY A 50 -24.59 23.78 2.86
N ALA A 51 -24.46 25.06 2.52
CA ALA A 51 -23.70 25.44 1.35
C ALA A 51 -22.20 25.32 1.62
N VAL A 52 -21.46 24.88 0.61
CA VAL A 52 -20.00 24.81 0.75
C VAL A 52 -19.45 26.24 0.79
N PRO A 53 -18.59 26.58 1.74
CA PRO A 53 -18.04 27.94 1.76
C PRO A 53 -17.33 28.25 0.46
N ASP A 54 -17.20 29.54 0.17
CA ASP A 54 -16.45 29.96 -1.00
C ASP A 54 -14.96 29.84 -0.74
N SER A 55 -14.21 29.62 -1.80
CA SER A 55 -12.75 29.59 -1.73
C SER A 55 -12.19 29.73 -3.12
N ALA A 56 -10.94 30.21 -3.19
CA ALA A 56 -10.24 30.29 -4.46
C ALA A 56 -10.17 28.92 -5.14
N SER A 57 -9.94 27.86 -4.36
CA SER A 57 -9.84 26.53 -4.94
C SER A 57 -11.16 26.08 -5.56
N GLN A 58 -12.28 26.60 -5.05
CA GLN A 58 -13.63 26.24 -5.50
C GLN A 58 -13.96 24.79 -5.21
N LEU A 59 -13.26 24.18 -4.24
CA LEU A 59 -13.58 22.83 -3.82
C LEU A 59 -15.00 22.78 -3.26
N GLY A 60 -15.64 21.63 -3.42
CA GLY A 60 -17.03 21.46 -3.03
C GLY A 60 -18.02 21.63 -4.15
N SER A 61 -17.56 21.91 -5.37
CA SER A 61 -18.44 22.14 -6.50
C SER A 61 -19.31 20.92 -6.83
N SER A 62 -18.97 19.75 -6.28
CA SER A 62 -19.74 18.53 -6.49
C SER A 62 -20.71 18.25 -5.35
N ILE A 63 -20.70 19.08 -4.31
CA ILE A 63 -21.58 18.90 -3.17
C ILE A 63 -22.94 19.52 -3.48
N ASN A 64 -24.00 18.74 -3.31
CA ASN A 64 -25.37 19.25 -3.41
C ASN A 64 -25.83 19.62 -2.00
N ALA A 65 -26.05 20.92 -1.77
CA ALA A 65 -26.68 21.33 -0.53
C ALA A 65 -28.12 20.84 -0.50
N GLY A 66 -28.65 20.66 0.70
CA GLY A 66 -30.03 20.22 0.80
C GLY A 66 -30.15 19.03 1.73
N LEU A 67 -31.23 18.28 1.55
CA LEU A 67 -31.59 17.18 2.43
C LEU A 67 -31.39 15.86 1.70
N ILE A 68 -30.74 14.90 2.35
CA ILE A 68 -30.57 13.56 1.80
C ILE A 68 -30.82 12.54 2.90
N THR A 69 -31.27 11.35 2.50
CA THR A 69 -31.47 10.26 3.44
C THR A 69 -30.78 8.99 2.95
N ILE A 70 -30.05 8.34 3.84
CA ILE A 70 -29.42 7.05 3.58
C ILE A 70 -30.14 6.03 4.45
N GLN A 71 -30.59 4.93 3.86
CA GLN A 71 -31.23 3.92 4.69
C GLN A 71 -30.22 3.38 5.69
N LEU A 72 -30.70 3.14 6.91
CA LEU A 72 -29.79 2.80 8.01
C LEU A 72 -28.93 1.60 7.65
N SER A 73 -29.50 0.61 6.97
CA SER A 73 -28.78 -0.60 6.60
C SER A 73 -27.58 -0.35 5.70
N GLU A 74 -27.40 0.87 5.21
CA GLU A 74 -26.27 1.20 4.35
C GLU A 74 -25.40 2.30 4.95
N ALA A 75 -25.78 2.83 6.12
CA ALA A 75 -24.99 3.86 6.76
C ALA A 75 -23.55 3.42 6.94
N TYR A 76 -23.33 2.12 7.17
CA TYR A 76 -22.00 1.60 7.42
C TYR A 76 -21.01 2.00 6.33
N LYS A 77 -21.46 2.11 5.08
CA LYS A 77 -20.52 2.40 4.00
C LYS A 77 -20.69 3.82 3.45
N ILE A 78 -21.18 4.74 4.29
CA ILE A 78 -21.32 6.14 3.87
C ILE A 78 -20.01 6.64 3.26
N ASN A 79 -18.91 6.47 3.99
CA ASN A 79 -17.61 6.95 3.53
C ASN A 79 -17.32 6.50 2.11
N HIS A 80 -17.62 5.24 1.78
CA HIS A 80 -17.45 4.82 0.40
C HIS A 80 -18.45 5.53 -0.50
N ASP A 81 -19.74 5.36 -0.21
CA ASP A 81 -20.77 5.72 -1.18
C ASP A 81 -20.80 7.22 -1.42
N PHE A 82 -20.62 8.02 -0.38
CA PHE A 82 -20.64 9.46 -0.56
C PHE A 82 -19.39 9.95 -1.27
N THR A 83 -18.23 9.33 -1.01
CA THR A 83 -17.00 9.83 -1.61
C THR A 83 -16.99 9.64 -3.11
N PHE A 84 -17.53 8.52 -3.60
CA PHE A 84 -17.38 8.10 -4.98
C PHE A 84 -18.68 8.13 -5.77
N SER A 85 -19.71 8.82 -5.29
CA SER A 85 -21.00 8.80 -5.97
C SER A 85 -20.90 9.44 -7.36
N GLY A 86 -20.02 10.42 -7.53
CA GLY A 86 -19.77 11.02 -8.84
C GLY A 86 -19.22 10.05 -9.86
N LEU A 87 -18.68 8.91 -9.42
CA LEU A 87 -18.07 7.91 -10.27
C LEU A 87 -18.83 6.59 -10.28
N SER A 88 -19.79 6.41 -9.38
CA SER A 88 -20.47 5.12 -9.17
C SER A 88 -21.70 5.01 -10.07
N LYS A 89 -21.42 4.80 -11.35
CA LYS A 89 -22.50 4.54 -12.31
C LYS A 89 -22.78 3.09 -11.95
N THR A 90 -23.50 2.91 -10.85
CA THR A 90 -23.68 1.58 -10.24
C THR A 90 -24.76 0.74 -10.93
N THR A 91 -24.28 -0.35 -11.53
CA THR A 91 -25.08 -1.46 -12.10
C THR A 91 -24.71 -2.70 -11.32
N ASP A 92 -23.52 -2.73 -10.72
CA ASP A 92 -22.95 -3.86 -9.95
C ASP A 92 -22.84 -5.13 -10.80
N ARG A 93 -21.94 -5.14 -11.77
CA ARG A 93 -21.76 -6.32 -12.60
C ARG A 93 -20.71 -7.23 -11.99
N ARG A 94 -20.92 -8.53 -12.12
CA ARG A 94 -19.96 -9.50 -11.65
C ARG A 94 -18.96 -9.83 -12.74
N LEU A 95 -17.84 -10.44 -12.32
CA LEU A 95 -16.74 -10.69 -13.25
C LEU A 95 -17.19 -11.57 -14.40
N SER A 96 -18.03 -12.56 -14.12
CA SER A 96 -18.47 -13.52 -15.13
C SER A 96 -19.30 -12.90 -16.24
N GLU A 97 -19.85 -11.70 -16.02
CA GLU A 97 -20.60 -11.03 -17.07
C GLU A 97 -19.70 -10.35 -18.09
N VAL A 98 -18.39 -10.28 -17.82
CA VAL A 98 -17.43 -9.75 -18.78
C VAL A 98 -16.27 -10.70 -19.05
N PHE A 99 -15.95 -11.59 -18.10
CA PHE A 99 -14.82 -12.50 -18.19
C PHE A 99 -15.29 -13.95 -18.35
N PRO A 100 -14.46 -14.82 -18.94
CA PRO A 100 -14.83 -16.24 -18.99
C PRO A 100 -15.05 -16.83 -17.61
N ILE A 101 -16.08 -17.69 -17.51
CA ILE A 101 -16.36 -18.41 -16.28
C ILE A 101 -15.26 -19.42 -15.99
N THR A 102 -14.83 -19.47 -14.72
CA THR A 102 -13.79 -20.40 -14.29
C THR A 102 -14.21 -21.29 -13.13
N HIS A 103 -15.31 -20.97 -12.44
CA HIS A 103 -15.75 -21.71 -11.25
C HIS A 103 -14.61 -21.88 -10.25
N ASP A 104 -13.87 -20.79 -10.02
CA ASP A 104 -12.80 -20.76 -9.02
C ASP A 104 -13.24 -20.09 -7.73
N GLY A 105 -14.53 -19.77 -7.59
CA GLY A 105 -15.05 -19.08 -6.44
C GLY A 105 -15.17 -17.57 -6.60
N SER A 106 -14.64 -17.01 -7.67
CA SER A 106 -14.61 -15.56 -7.86
C SER A 106 -15.54 -15.06 -8.96
N ASP A 107 -16.24 -15.96 -9.67
CA ASP A 107 -17.09 -15.55 -10.78
C ASP A 107 -18.11 -14.50 -10.37
N GLY A 108 -18.51 -14.49 -9.09
CA GLY A 108 -19.49 -13.57 -8.58
C GLY A 108 -18.95 -12.33 -7.91
N THR A 110 -17.99 -8.70 -7.33
CA THR A 110 -18.60 -7.50 -7.90
C THR A 110 -17.76 -6.29 -7.55
N PRO A 111 -16.86 -5.85 -8.42
CA PRO A 111 -16.13 -4.60 -8.18
C PRO A 111 -17.03 -3.40 -8.38
N ASP A 112 -16.51 -2.23 -7.98
CA ASP A 112 -17.29 -1.01 -8.12
C ASP A 112 -17.56 -0.68 -9.58
N VAL A 113 -16.60 -0.98 -10.47
CA VAL A 113 -16.76 -0.64 -11.89
C VAL A 113 -16.21 -1.76 -12.74
N ILE A 114 -16.99 -2.19 -13.74
CA ILE A 114 -16.46 -2.93 -14.89
C ILE A 114 -16.91 -2.19 -16.15
N HIS A 115 -15.95 -1.66 -16.91
CA HIS A 115 -16.24 -0.81 -18.06
C HIS A 115 -15.45 -1.28 -19.26
N THR A 116 -16.14 -1.58 -20.36
CA THR A 116 -15.49 -1.91 -21.61
C THR A 116 -15.43 -0.67 -22.49
N ARG A 117 -14.24 -0.35 -22.99
CA ARG A 117 -14.07 0.83 -23.82
C ARG A 117 -14.28 0.46 -25.29
N LEU A 118 -14.46 1.49 -26.12
CA LEU A 118 -14.71 1.24 -27.53
C LEU A 118 -13.56 0.49 -28.20
N ASP A 119 -12.33 0.70 -27.73
CA ASP A 119 -11.19 -0.01 -28.29
C ASP A 119 -11.05 -1.44 -27.76
N GLY A 120 -12.01 -1.92 -26.96
CA GLY A 120 -11.97 -3.27 -26.45
C GLY A 120 -11.30 -3.46 -25.11
N THR A 121 -10.65 -2.42 -24.58
CA THR A 121 -10.01 -2.53 -23.28
C THR A 121 -11.05 -2.71 -22.19
N ILE A 122 -10.78 -3.62 -21.26
CA ILE A 122 -11.66 -3.87 -20.11
C ILE A 122 -10.99 -3.25 -18.89
N VAL A 123 -11.70 -2.32 -18.23
CA VAL A 123 -11.19 -1.62 -17.06
C VAL A 123 -12.05 -2.02 -15.87
N VAL A 124 -11.46 -2.75 -14.94
CA VAL A 124 -12.08 -3.05 -13.65
C VAL A 124 -11.52 -2.07 -12.64
N VAL A 125 -12.41 -1.37 -11.93
CA VAL A 125 -11.99 -0.35 -10.98
C VAL A 125 -12.62 -0.64 -9.63
N GLU A 126 -11.86 -0.37 -8.58
CA GLU A 126 -12.25 -0.56 -7.20
C GLU A 126 -11.96 0.72 -6.43
N PHE A 127 -12.95 1.19 -5.70
CA PHE A 127 -12.83 2.42 -4.91
C PHE A 127 -12.71 2.06 -3.44
N SER A 128 -11.95 2.88 -2.69
CA SER A 128 -11.79 2.63 -1.27
C SER A 128 -11.41 3.91 -0.56
N THR A 129 -11.68 3.93 0.75
CA THR A 129 -11.28 5.04 1.62
C THR A 129 -10.63 4.47 2.88
N THR A 130 -9.85 5.32 3.55
CA THR A 130 -9.33 4.99 4.87
C THR A 130 -9.36 6.24 5.74
N ARG A 131 -9.62 6.03 7.03
CA ARG A 131 -9.64 7.11 8.00
C ARG A 131 -8.27 7.35 8.63
N SER A 132 -7.27 6.54 8.29
CA SER A 132 -5.91 6.77 8.75
C SER A 132 -5.32 8.00 8.07
N HIS A 133 -4.52 8.75 8.83
CA HIS A 133 -3.78 9.88 8.29
C HIS A 133 -2.33 9.52 7.96
N ASN A 134 -2.02 8.23 7.90
CA ASN A 134 -0.66 7.75 7.66
C ASN A 134 -0.59 7.12 6.29
N ILE A 135 0.52 7.36 5.58
CA ILE A 135 0.69 6.83 4.24
C ILE A 135 0.52 5.32 4.21
N GLY A 136 0.90 4.64 5.29
CA GLY A 136 0.70 3.21 5.39
C GLY A 136 -0.75 2.80 5.28
N GLY A 137 -1.69 3.62 5.77
CA GLY A 137 -3.09 3.28 5.66
C GLY A 137 -3.59 3.32 4.22
N LEU A 138 -3.23 4.39 3.50
CA LEU A 138 -3.55 4.46 2.07
C LEU A 138 -2.96 3.25 1.35
N GLU A 139 -1.68 2.97 1.60
CA GLU A 139 -1.02 1.85 0.95
C GLU A 139 -1.69 0.54 1.28
N ALA A 140 -2.15 0.37 2.53
CA ALA A 140 -2.79 -0.86 2.95
C ALA A 140 -4.11 -1.07 2.23
N ALA A 141 -4.94 -0.03 2.14
CA ALA A 141 -6.20 -0.17 1.40
C ALA A 141 -5.93 -0.51 -0.06
N TYR A 142 -4.93 0.14 -0.66
CA TYR A 142 -4.64 -0.06 -2.07
C TYR A 142 -4.12 -1.49 -2.32
N ARG A 143 -3.16 -1.92 -1.50
CA ARG A 143 -2.66 -3.29 -1.54
C ARG A 143 -3.78 -4.29 -1.37
N THR A 144 -4.69 -4.04 -0.42
CA THR A 144 -5.78 -4.98 -0.18
C THR A 144 -6.63 -5.16 -1.42
N LYS A 145 -6.93 -4.07 -2.12
CA LYS A 145 -7.72 -4.23 -3.35
C LYS A 145 -6.94 -4.98 -4.42
N ILE A 146 -5.66 -4.64 -4.59
CA ILE A 146 -4.81 -5.34 -5.54
C ILE A 146 -4.81 -6.84 -5.27
N GLU A 147 -4.65 -7.22 -4.00
CA GLU A 147 -4.55 -8.63 -3.65
C GLU A 147 -5.90 -9.32 -3.79
N LYS A 148 -6.99 -8.60 -3.56
CA LYS A 148 -8.31 -9.20 -3.76
C LYS A 148 -8.52 -9.57 -5.22
N TYR A 149 -8.13 -8.69 -6.15
CA TYR A 149 -8.56 -8.92 -7.53
C TYR A 149 -7.50 -9.43 -8.49
N ARG A 150 -6.21 -9.37 -8.17
CA ARG A 150 -5.19 -9.73 -9.18
C ARG A 150 -5.19 -11.20 -9.58
N ASP A 151 -5.25 -12.11 -8.64
CA ASP A 151 -5.27 -13.53 -9.01
C ASP A 151 -6.50 -13.91 -9.83
N PRO A 152 -7.74 -13.60 -9.41
CA PRO A 152 -8.89 -13.94 -10.28
C PRO A 152 -8.79 -13.35 -11.69
N ILE A 153 -8.53 -12.05 -11.80
CA ILE A 153 -8.48 -11.41 -13.11
C ILE A 153 -7.33 -11.98 -13.94
N SER A 154 -6.20 -12.26 -13.30
CA SER A 154 -5.08 -12.83 -14.03
C SER A 154 -5.41 -14.23 -14.55
N ARG A 155 -6.11 -15.03 -13.74
CA ARG A 155 -6.57 -16.33 -14.21
C ARG A 155 -7.49 -16.20 -15.42
N ARG A 156 -8.43 -15.25 -15.37
CA ARG A 156 -9.30 -15.02 -16.52
C ARG A 156 -8.50 -14.61 -17.75
N VAL A 157 -7.55 -13.70 -17.57
CA VAL A 157 -6.78 -13.17 -18.69
C VAL A 157 -5.95 -14.25 -19.36
N ASP A 158 -5.48 -15.24 -18.59
CA ASP A 158 -4.65 -16.29 -19.15
C ASP A 158 -5.41 -17.17 -20.14
N ILE A 159 -6.75 -17.20 -20.06
CA ILE A 159 -7.56 -18.05 -20.94
C ILE A 159 -8.41 -17.24 -21.92
N GLU A 161 -8.18 -14.56 -25.56
CA GLU A 161 -7.30 -14.15 -26.65
C GLU A 161 -7.37 -12.64 -26.78
N ASN A 162 -6.18 -12.06 -26.83
CA ASN A 162 -5.98 -10.61 -26.89
C ASN A 162 -6.70 -9.91 -25.74
N PRO A 163 -6.59 -10.34 -24.46
CA PRO A 163 -7.17 -9.56 -23.38
C PRO A 163 -6.33 -8.31 -23.17
N ARG A 164 -7.00 -7.17 -23.04
CA ARG A 164 -6.36 -5.94 -22.57
C ARG A 164 -7.22 -5.48 -21.41
N VAL A 165 -6.75 -5.78 -20.20
CA VAL A 165 -7.51 -5.59 -18.99
C VAL A 165 -6.66 -4.74 -18.06
N PHE A 166 -7.27 -3.75 -17.44
CA PHE A 166 -6.58 -2.86 -16.52
C PHE A 166 -7.37 -2.87 -15.22
N PHE A 167 -6.70 -3.14 -14.11
CA PHE A 167 -7.35 -3.14 -12.81
C PHE A 167 -6.97 -1.86 -12.07
N GLY A 168 -7.95 -0.99 -11.87
CA GLY A 168 -7.72 0.30 -11.27
C GLY A 168 -8.14 0.32 -9.82
N VAL A 169 -7.40 1.10 -9.02
CA VAL A 169 -7.67 1.26 -7.60
C VAL A 169 -7.52 2.74 -7.27
N ILE A 170 -8.53 3.31 -6.62
CA ILE A 170 -8.48 4.68 -6.12
C ILE A 170 -8.80 4.64 -4.64
N VAL A 171 -7.86 5.11 -3.81
CA VAL A 171 -8.05 5.16 -2.36
C VAL A 171 -7.99 6.61 -1.94
N VAL A 172 -9.01 7.05 -1.22
CA VAL A 172 -9.15 8.44 -0.80
C VAL A 172 -9.08 8.49 0.72
N SER A 173 -8.32 9.46 1.24
CA SER A 173 -8.28 9.76 2.66
C SER A 173 -8.37 11.27 2.83
N SER A 174 -8.38 11.71 4.09
CA SER A 174 -8.39 13.15 4.36
C SER A 174 -7.16 13.84 3.77
N GLY A 175 -6.00 13.18 3.84
CA GLY A 175 -4.76 13.85 3.51
C GLY A 175 -4.13 13.48 2.18
N GLY A 176 -4.71 12.53 1.46
CA GLY A 176 -4.14 12.18 0.17
C GLY A 176 -4.98 11.13 -0.55
N VAL A 177 -4.69 11.00 -1.83
CA VAL A 177 -5.30 9.99 -2.70
C VAL A 177 -4.18 9.13 -3.27
N LEU A 178 -4.37 7.82 -3.28
CA LEU A 178 -3.43 6.90 -3.89
C LEU A 178 -4.17 6.16 -5.00
N SER A 179 -3.70 6.32 -6.24
CA SER A 179 -4.47 5.84 -7.36
C SER A 179 -3.57 5.47 -8.51
N ASN A 180 -3.91 4.40 -9.22
CA ASN A 180 -3.27 4.08 -10.49
C ASN A 180 -4.11 4.55 -11.68
N PRO A 182 -4.84 7.85 -13.47
CA PRO A 182 -4.35 9.24 -13.48
C PRO A 182 -5.48 10.23 -13.20
N LEU A 183 -5.23 11.12 -12.26
CA LEU A 183 -6.18 12.16 -11.86
C LEU A 183 -5.52 13.52 -12.02
N THR A 184 -6.34 14.55 -12.22
CA THR A 184 -5.83 15.88 -11.98
C THR A 184 -5.80 16.14 -10.49
N GLN A 185 -4.93 17.07 -10.07
CA GLN A 185 -4.89 17.45 -8.65
C GLN A 185 -6.26 17.94 -8.18
N ASP A 186 -6.98 18.66 -9.05
CA ASP A 186 -8.30 19.16 -8.68
C ASP A 186 -9.28 18.01 -8.40
N GLU A 187 -9.27 16.98 -9.24
CA GLU A 187 -10.15 15.84 -9.03
C GLU A 187 -9.84 15.15 -7.71
N ALA A 188 -8.55 14.96 -7.41
CA ALA A 188 -8.16 14.32 -6.15
C ALA A 188 -8.55 15.17 -4.95
N GLU A 189 -8.37 16.49 -5.06
CA GLU A 189 -8.77 17.39 -3.98
C GLU A 189 -10.27 17.33 -3.75
N GLU A 190 -11.05 17.27 -4.83
CA GLU A 190 -12.50 17.18 -4.68
C GLU A 190 -12.89 15.86 -4.02
N LEU A 191 -12.23 14.78 -4.40
CA LEU A 191 -12.49 13.50 -3.74
C LEU A 191 -12.17 13.57 -2.25
N TYR A 193 -12.15 16.27 -0.29
CA TYR A 193 -13.16 17.10 0.36
C TYR A 193 -14.46 16.33 0.56
N ARG A 194 -14.90 15.62 -0.50
CA ARG A 194 -16.07 14.75 -0.37
C ARG A 194 -15.89 13.75 0.75
N PHE A 195 -14.68 13.17 0.87
CA PHE A 195 -14.45 12.21 1.94
C PHE A 195 -14.52 12.87 3.31
N CYS A 196 -14.00 14.09 3.44
CA CYS A 196 -14.10 14.80 4.70
C CYS A 196 -15.55 14.96 5.12
N ILE A 197 -16.39 15.40 4.19
CA ILE A 197 -17.82 15.53 4.47
C ILE A 197 -18.42 14.17 4.83
N ALA A 198 -18.10 13.14 4.05
CA ALA A 198 -18.64 11.81 4.29
C ALA A 198 -18.26 11.29 5.67
N ASN A 199 -17.01 11.47 6.08
CA ASN A 199 -16.57 11.00 7.38
C ASN A 199 -17.21 11.79 8.51
N GLU A 200 -17.43 13.09 8.32
CA GLU A 200 -18.15 13.84 9.34
C GLU A 200 -19.58 13.32 9.49
N ILE A 201 -20.27 13.10 8.37
CA ILE A 201 -21.62 12.55 8.40
C ILE A 201 -21.62 11.19 9.11
N TYR A 202 -20.68 10.33 8.72
CA TYR A 202 -20.61 8.99 9.30
C TYR A 202 -20.33 9.03 10.79
N THR A 203 -19.39 9.88 11.22
CA THR A 203 -19.08 10.02 12.64
C THR A 203 -20.30 10.46 13.43
N LYS A 204 -21.01 11.47 12.92
CA LYS A 204 -22.23 11.91 13.59
C LYS A 204 -23.26 10.77 13.67
N ALA A 205 -23.46 10.05 12.56
CA ALA A 205 -24.41 8.95 12.56
C ALA A 205 -24.00 7.88 13.56
N ARG A 206 -22.71 7.59 13.64
CA ARG A 206 -22.20 6.57 14.54
C ARG A 206 -22.33 6.98 16.00
N SER A 207 -22.29 8.29 16.28
CA SER A 207 -22.49 8.76 17.64
C SER A 207 -23.90 8.48 18.15
N ASP A 209 -25.86 5.80 16.61
CA ASP A 209 -26.03 4.36 16.41
C ASP A 209 -24.62 3.75 16.22
N ALA A 210 -24.02 3.31 17.32
CA ALA A 210 -22.66 2.78 17.27
C ALA A 210 -22.57 1.50 16.45
N ASP A 211 -23.66 0.74 16.33
CA ASP A 211 -23.59 -0.55 15.66
C ASP A 211 -23.13 -0.46 14.22
N ILE A 212 -23.33 0.69 13.56
CA ILE A 212 -22.89 0.83 12.18
C ILE A 212 -21.39 0.59 12.09
N GLU A 213 -20.63 1.07 13.07
CA GLU A 213 -19.19 0.81 13.06
C GLU A 213 -18.93 -0.69 13.01
N LEU A 214 -19.63 -1.44 13.87
CA LEU A 214 -19.49 -2.90 13.83
C LEU A 214 -19.83 -3.42 12.44
N GLN A 215 -20.95 -2.95 11.88
CA GLN A 215 -21.32 -3.39 10.54
C GLN A 215 -20.20 -3.07 9.57
N LYS A 216 -19.69 -1.84 9.62
CA LYS A 216 -18.61 -1.46 8.73
C LYS A 216 -17.44 -2.42 8.88
N SER A 217 -17.04 -2.69 10.12
CA SER A 217 -15.91 -3.57 10.37
C SER A 217 -16.14 -4.95 9.79
N GLU A 218 -17.32 -5.52 10.03
CA GLU A 218 -17.53 -6.88 9.56
C GLU A 218 -17.58 -6.84 8.06
N GLU A 219 -18.32 -5.91 7.49
CA GLU A 219 -18.51 -5.88 6.02
C GLU A 219 -17.20 -5.69 5.27
N GLU A 220 -16.35 -4.76 5.65
CA GLU A 220 -15.05 -4.69 5.00
C GLU A 220 -14.27 -5.98 5.24
N LEU A 221 -14.44 -6.61 6.41
CA LEU A 221 -13.75 -7.88 6.65
C LEU A 221 -14.16 -8.91 5.61
N GLU A 222 -15.47 -9.07 5.39
CA GLU A 222 -15.88 -10.05 4.38
C GLU A 222 -15.44 -9.60 3.00
N ALA A 223 -15.31 -8.29 2.80
CA ALA A 223 -14.91 -7.79 1.50
C ALA A 223 -13.44 -8.03 1.22
N ILE A 224 -12.67 -8.49 2.20
CA ILE A 224 -11.26 -8.82 1.95
C ILE A 224 -11.15 -9.86 0.86
N SER A 225 -12.05 -10.84 0.81
CA SER A 225 -11.86 -11.99 -0.06
C SER A 225 -13.00 -12.31 -1.01
N ARG A 226 -14.25 -11.89 -0.72
CA ARG A 226 -15.33 -12.23 -1.64
C ARG A 226 -15.90 -10.99 -2.34
N ASN B 2 8.49 -0.72 17.35
CA ASN B 2 8.14 0.00 18.56
C ASN B 2 6.64 0.26 18.60
N LEU B 3 6.07 0.13 19.80
CA LEU B 3 4.63 0.19 19.98
C LEU B 3 4.08 1.62 19.81
N GLU B 4 4.83 2.62 20.28
CA GLU B 4 4.36 4.00 20.15
C GLU B 4 4.25 4.41 18.69
N VAL B 5 5.26 4.04 17.88
CA VAL B 5 5.23 4.34 16.45
C VAL B 5 3.99 3.72 15.82
N LEU B 6 3.72 2.45 16.15
CA LEU B 6 2.55 1.77 15.61
C LEU B 6 1.26 2.48 15.99
N CYS B 7 1.10 2.81 17.27
CA CYS B 7 -0.12 3.47 17.72
C CYS B 7 -0.27 4.88 17.13
N GLY B 8 0.82 5.48 16.67
CA GLY B 8 0.72 6.79 16.05
C GLY B 8 0.13 6.79 14.64
N ARG B 9 -0.07 5.62 14.03
CA ARG B 9 -0.49 5.55 12.64
C ARG B 9 -2.02 5.51 12.45
N ILE B 10 -2.80 5.66 13.52
CA ILE B 10 -4.26 5.59 13.43
C ILE B 10 -4.87 6.93 13.86
N ASN B 11 -6.06 7.22 13.33
CA ASN B 11 -6.80 8.42 13.70
C ASN B 11 -8.26 8.08 13.99
N VAL B 12 -8.71 8.41 15.20
CA VAL B 12 -10.11 8.31 15.60
C VAL B 12 -10.58 9.70 16.04
N GLU B 13 -11.58 10.24 15.33
CA GLU B 13 -12.02 11.61 15.60
C GLU B 13 -12.84 11.71 16.88
N ASN B 14 -13.88 10.91 17.03
CA ASN B 14 -14.59 10.83 18.31
C ASN B 14 -15.35 9.51 18.36
N GLY B 15 -15.36 8.90 19.55
CA GLY B 15 -16.01 7.62 19.72
C GLY B 15 -15.06 6.46 19.60
N LEU B 16 -15.58 5.31 19.16
CA LEU B 16 -14.80 4.09 19.01
C LEU B 16 -14.65 3.79 17.52
N SER B 17 -13.42 3.61 17.08
CA SER B 17 -13.14 3.24 15.70
C SER B 17 -12.57 1.84 15.63
N LEU B 18 -13.05 1.06 14.66
CA LEU B 18 -12.51 -0.24 14.36
C LEU B 18 -11.63 -0.22 13.12
N GLY B 19 -11.26 0.97 12.64
CA GLY B 19 -10.31 1.14 11.56
C GLY B 19 -10.77 0.48 10.27
N GLU B 20 -9.78 0.08 9.47
CA GLU B 20 -10.04 -0.58 8.20
C GLU B 20 -9.14 -1.81 8.14
N PRO B 21 -9.70 -3.01 7.94
CA PRO B 21 -8.85 -4.20 7.79
C PRO B 21 -8.00 -4.10 6.53
N GLY B 22 -6.74 -4.44 6.66
CA GLY B 22 -5.83 -4.50 5.53
C GLY B 22 -5.14 -5.84 5.45
N LEU B 23 -5.01 -6.35 4.23
CA LEU B 23 -4.39 -7.64 3.99
C LEU B 23 -2.96 -7.43 3.50
N TYR B 24 -2.02 -8.18 4.09
CA TYR B 24 -0.63 -8.16 3.68
C TYR B 24 -0.26 -9.57 3.27
N ASP B 25 -0.28 -9.85 1.96
CA ASP B 25 0.11 -11.17 1.49
C ASP B 25 1.62 -11.32 1.56
N GLN B 26 2.08 -12.56 1.67
CA GLN B 26 3.50 -12.85 1.65
C GLN B 26 4.03 -12.70 0.23
N ILE B 27 4.97 -11.79 0.03
CA ILE B 27 5.50 -11.54 -1.30
C ILE B 27 7.02 -11.54 -1.37
N TYR B 28 7.74 -11.30 -0.28
CA TYR B 28 9.21 -11.30 -0.35
C TYR B 28 9.75 -12.68 -0.67
N ASP B 29 10.94 -12.72 -1.24
CA ASP B 29 11.71 -13.95 -1.33
C ASP B 29 12.20 -14.26 0.08
N ARG B 30 11.48 -15.13 0.77
CA ARG B 30 11.68 -15.34 2.20
C ARG B 30 12.85 -16.29 2.42
N PRO B 31 13.76 -15.99 3.35
CA PRO B 31 14.83 -16.93 3.68
C PRO B 31 14.29 -18.15 4.41
N GLY B 32 15.11 -19.19 4.43
CA GLY B 32 14.81 -20.35 5.23
C GLY B 32 14.81 -20.02 6.71
N LEU B 33 14.24 -20.94 7.49
CA LEU B 33 14.24 -20.75 8.93
C LEU B 33 15.64 -20.97 9.50
N PRO B 34 15.96 -20.34 10.62
CA PRO B 34 17.20 -20.68 11.31
C PRO B 34 17.10 -22.07 11.92
N ASP B 35 18.27 -22.66 12.17
CA ASP B 35 18.30 -23.90 12.91
C ASP B 35 17.59 -23.73 14.25
N LEU B 36 16.71 -24.67 14.57
CA LEU B 36 15.94 -24.61 15.79
C LEU B 36 16.08 -25.97 16.47
N ASP B 37 16.73 -25.99 17.63
CA ASP B 37 16.84 -27.19 18.43
C ASP B 37 15.94 -27.02 19.63
N VAL B 38 14.99 -27.94 19.78
CA VAL B 38 13.93 -27.84 20.76
C VAL B 38 14.02 -29.07 21.64
N THR B 39 14.01 -28.85 22.95
CA THR B 39 14.05 -29.94 23.89
C THR B 39 12.91 -29.77 24.88
N VAL B 40 12.20 -30.86 25.13
CA VAL B 40 11.03 -30.85 26.00
C VAL B 40 11.25 -31.90 27.09
N ASP B 41 11.10 -31.48 28.34
CA ASP B 41 11.18 -32.40 29.48
C ASP B 41 10.39 -31.76 30.62
N ALA B 42 10.50 -32.34 31.82
CA ALA B 42 9.73 -31.87 32.95
C ALA B 42 10.03 -30.42 33.30
N THR B 43 11.27 -29.98 33.09
CA THR B 43 11.62 -28.58 33.30
C THR B 43 10.76 -27.66 32.45
N GLY B 44 10.74 -27.88 31.14
CA GLY B 44 10.00 -27.03 30.21
C GLY B 44 10.52 -27.23 28.80
N VAL B 45 10.35 -26.20 27.98
CA VAL B 45 10.80 -26.22 26.58
C VAL B 45 12.04 -25.34 26.49
N THR B 46 13.14 -25.94 26.05
CA THR B 46 14.38 -25.21 25.77
C THR B 46 14.61 -25.17 24.26
N VAL B 47 14.82 -23.98 23.73
CA VAL B 47 15.04 -23.78 22.31
C VAL B 47 16.37 -23.08 22.13
N ASP B 48 17.20 -23.61 21.22
CA ASP B 48 18.44 -22.97 20.80
C ASP B 48 18.23 -22.50 19.38
N ILE B 49 18.20 -21.18 19.19
CA ILE B 49 17.89 -20.56 17.90
C ILE B 49 19.21 -20.22 17.22
N GLY B 50 19.42 -20.79 16.04
CA GLY B 50 20.58 -20.45 15.24
C GLY B 50 20.45 -19.08 14.62
N ALA B 51 21.47 -18.75 13.82
CA ALA B 51 21.50 -17.47 13.13
C ALA B 51 20.59 -17.50 11.91
N VAL B 52 19.94 -16.38 11.65
CA VAL B 52 19.05 -16.29 10.47
C VAL B 52 19.91 -16.32 9.20
N PRO B 53 19.58 -17.18 8.23
CA PRO B 53 20.32 -17.17 6.97
C PRO B 53 20.24 -15.81 6.28
N ASP B 54 21.17 -15.59 5.35
CA ASP B 54 21.17 -14.38 4.56
C ASP B 54 20.09 -14.44 3.48
N SER B 55 19.60 -13.26 3.10
CA SER B 55 18.69 -13.11 1.98
C SER B 55 18.68 -11.64 1.57
N ALA B 56 18.32 -11.40 0.31
CA ALA B 56 18.15 -10.03 -0.16
C ALA B 56 17.15 -9.26 0.69
N SER B 57 16.07 -9.93 1.11
CA SER B 57 15.03 -9.29 1.90
C SER B 57 15.52 -8.83 3.26
N GLN B 58 16.56 -9.48 3.80
CA GLN B 58 17.12 -9.18 5.12
C GLN B 58 16.13 -9.49 6.25
N LEU B 59 15.14 -10.34 5.96
CA LEU B 59 14.21 -10.77 7.00
C LEU B 59 14.94 -11.53 8.10
N GLY B 60 14.39 -11.46 9.30
CA GLY B 60 15.02 -12.05 10.47
C GLY B 60 15.82 -11.08 11.30
N SER B 61 15.87 -9.81 10.93
CA SER B 61 16.67 -8.83 11.64
C SER B 61 16.25 -8.67 13.10
N SER B 62 15.06 -9.13 13.46
CA SER B 62 14.60 -9.04 14.85
C SER B 62 14.83 -10.32 15.63
N ILE B 63 15.29 -11.38 14.96
CA ILE B 63 15.59 -12.64 15.63
C ILE B 63 17.01 -12.59 16.17
N ASN B 64 17.15 -12.78 17.48
CA ASN B 64 18.44 -12.94 18.13
C ASN B 64 18.70 -14.42 18.37
N ALA B 65 19.82 -14.91 17.81
CA ALA B 65 20.25 -16.28 18.11
C ALA B 65 20.58 -16.42 19.59
N GLY B 66 20.55 -17.68 20.07
CA GLY B 66 20.87 -18.00 21.44
C GLY B 66 19.82 -18.92 22.05
N LEU B 67 19.79 -18.93 23.37
CA LEU B 67 19.00 -19.88 24.15
C LEU B 67 17.85 -19.17 24.86
N ILE B 68 16.67 -19.77 24.80
CA ILE B 68 15.52 -19.32 25.56
C ILE B 68 14.81 -20.55 26.12
N THR B 69 14.17 -20.40 27.27
CA THR B 69 13.41 -21.47 27.88
C THR B 69 12.01 -20.97 28.19
N ILE B 70 11.02 -21.77 27.85
CA ILE B 70 9.62 -21.46 28.10
C ILE B 70 9.10 -22.44 29.15
N GLN B 71 8.46 -21.91 30.20
CA GLN B 71 7.87 -22.77 31.20
C GLN B 71 6.83 -23.64 30.52
N LEU B 72 6.73 -24.90 30.95
CA LEU B 72 5.85 -25.84 30.27
C LEU B 72 4.43 -25.30 30.23
N SER B 73 3.99 -24.69 31.35
CA SER B 73 2.64 -24.15 31.48
C SER B 73 2.34 -23.04 30.49
N GLU B 74 3.33 -22.55 29.75
CA GLU B 74 3.10 -21.50 28.78
C GLU B 74 3.51 -21.88 27.36
N ALA B 75 3.98 -23.11 27.14
CA ALA B 75 4.32 -23.53 25.78
C ALA B 75 3.13 -23.34 24.85
N TYR B 76 1.92 -23.50 25.38
CA TYR B 76 0.70 -23.38 24.60
C TYR B 76 0.63 -22.09 23.80
N LYS B 77 1.15 -20.98 24.34
CA LYS B 77 1.00 -19.72 23.62
C LYS B 77 2.31 -19.24 22.99
N ILE B 78 3.23 -20.18 22.70
CA ILE B 78 4.47 -19.81 22.04
C ILE B 78 4.19 -18.99 20.79
N ASN B 79 3.32 -19.50 19.91
CA ASN B 79 3.00 -18.81 18.65
C ASN B 79 2.64 -17.36 18.91
N HIS B 80 1.84 -17.10 19.95
CA HIS B 80 1.54 -15.71 20.26
C HIS B 80 2.80 -15.00 20.77
N ASP B 81 3.38 -15.52 21.85
CA ASP B 81 4.37 -14.76 22.61
C ASP B 81 5.63 -14.52 21.80
N PHE B 82 6.06 -15.51 21.02
CA PHE B 82 7.26 -15.32 20.23
C PHE B 82 6.99 -14.38 19.04
N THR B 83 5.79 -14.46 18.45
CA THR B 83 5.56 -13.68 17.25
C THR B 83 5.56 -12.19 17.54
N PHE B 84 5.01 -11.80 18.71
CA PHE B 84 4.75 -10.40 19.02
C PHE B 84 5.63 -9.88 20.15
N SER B 85 6.74 -10.56 20.45
CA SER B 85 7.57 -10.13 21.58
C SER B 85 8.16 -8.74 21.35
N GLY B 86 8.43 -8.38 20.09
CA GLY B 86 8.91 -7.04 19.77
C GLY B 86 7.93 -5.93 20.11
N LEU B 87 6.64 -6.24 20.29
CA LEU B 87 5.61 -5.22 20.63
C LEU B 87 4.89 -5.54 21.95
N SER B 88 5.14 -6.74 22.45
CA SER B 88 4.41 -7.23 23.64
C SER B 88 5.13 -6.85 24.92
N LYS B 89 5.30 -5.57 25.22
CA LYS B 89 5.91 -5.26 26.53
C LYS B 89 4.72 -5.39 27.48
N THR B 90 4.50 -6.61 27.96
CA THR B 90 3.23 -6.88 28.64
C THR B 90 3.28 -6.43 30.11
N THR B 91 3.05 -5.14 30.31
CA THR B 91 2.70 -4.63 31.63
C THR B 91 1.19 -4.62 31.57
N ASP B 92 0.59 -5.77 31.89
CA ASP B 92 -0.82 -6.01 31.61
C ASP B 92 -1.77 -5.01 32.25
N ARG B 93 -2.55 -4.38 31.42
CA ARG B 93 -3.51 -3.40 31.93
C ARG B 93 -4.89 -3.95 31.73
N ARG B 94 -5.71 -3.81 32.75
CA ARG B 94 -7.14 -4.16 32.70
C ARG B 94 -7.90 -2.94 32.19
N LEU B 95 -9.10 -3.12 31.66
CA LEU B 95 -9.75 -1.99 30.99
C LEU B 95 -10.01 -0.85 31.97
N SER B 96 -10.38 -1.20 33.20
CA SER B 96 -10.70 -0.22 34.23
C SER B 96 -9.49 0.64 34.62
N GLU B 97 -8.27 0.23 34.24
CA GLU B 97 -7.12 1.08 34.53
C GLU B 97 -7.05 2.28 33.60
N VAL B 98 -7.81 2.26 32.51
CA VAL B 98 -7.87 3.38 31.58
C VAL B 98 -9.29 3.82 31.28
N PHE B 99 -10.26 2.93 31.44
CA PHE B 99 -11.65 3.15 31.13
C PHE B 99 -12.47 3.27 32.41
N PRO B 100 -13.62 3.94 32.36
CA PRO B 100 -14.50 3.97 33.54
C PRO B 100 -14.90 2.58 33.97
N ILE B 101 -14.99 2.38 35.28
CA ILE B 101 -15.53 1.13 35.81
C ILE B 101 -17.00 1.05 35.42
N THR B 102 -17.43 -0.12 34.93
CA THR B 102 -18.79 -0.29 34.46
C THR B 102 -19.54 -1.41 35.16
N HIS B 103 -18.85 -2.30 35.87
CA HIS B 103 -19.46 -3.46 36.54
C HIS B 103 -20.34 -4.26 35.58
N ASP B 104 -19.83 -4.50 34.38
CA ASP B 104 -20.48 -5.37 33.42
C ASP B 104 -19.82 -6.74 33.33
N GLY B 105 -18.84 -7.02 34.19
CA GLY B 105 -18.10 -8.26 34.13
C GLY B 105 -16.84 -8.19 33.32
N SER B 106 -16.59 -7.08 32.62
CA SER B 106 -15.48 -6.94 31.71
C SER B 106 -14.39 -6.01 32.22
N ASP B 107 -14.58 -5.38 33.39
CA ASP B 107 -13.59 -4.45 33.92
C ASP B 107 -12.21 -5.08 34.02
N GLY B 108 -12.16 -6.40 34.12
CA GLY B 108 -10.91 -7.13 34.26
C GLY B 108 -10.30 -7.70 33.00
N THR B 110 -7.86 -8.08 30.07
CA THR B 110 -6.51 -7.60 29.79
C THR B 110 -6.16 -7.86 28.33
N PRO B 111 -6.32 -6.87 27.45
CA PRO B 111 -5.81 -7.04 26.08
C PRO B 111 -4.29 -6.95 26.09
N ASP B 112 -3.70 -7.29 24.94
CA ASP B 112 -2.25 -7.27 24.83
C ASP B 112 -1.68 -5.87 25.03
N VAL B 113 -2.40 -4.83 24.59
CA VAL B 113 -1.92 -3.46 24.68
C VAL B 113 -3.08 -2.55 25.04
N ILE B 114 -2.87 -1.70 26.04
CA ILE B 114 -3.66 -0.47 26.22
C ILE B 114 -2.68 0.68 26.31
N HIS B 115 -2.73 1.58 25.34
CA HIS B 115 -1.78 2.68 25.21
C HIS B 115 -2.53 3.98 25.01
N THR B 116 -2.29 4.94 25.89
CA THR B 116 -2.85 6.28 25.76
C THR B 116 -1.82 7.15 25.07
N ARG B 117 -2.25 7.84 24.03
CA ARG B 117 -1.35 8.63 23.20
C ARG B 117 -1.26 10.05 23.72
N LEU B 118 -0.23 10.78 23.27
CA LEU B 118 0.00 12.12 23.78
C LEU B 118 -1.19 13.05 23.52
N ASP B 119 -1.90 12.85 22.41
CA ASP B 119 -3.09 13.66 22.13
C ASP B 119 -4.32 13.17 22.87
N GLY B 120 -4.18 12.19 23.76
CA GLY B 120 -5.30 11.67 24.52
C GLY B 120 -6.00 10.49 23.91
N THR B 121 -5.67 10.11 22.68
CA THR B 121 -6.29 8.94 22.05
C THR B 121 -5.90 7.68 22.79
N ILE B 122 -6.89 6.79 22.97
CA ILE B 122 -6.68 5.50 23.61
C ILE B 122 -6.67 4.44 22.53
N VAL B 123 -5.57 3.68 22.45
CA VAL B 123 -5.42 2.62 21.47
C VAL B 123 -5.35 1.30 22.22
N VAL B 124 -6.38 0.48 22.05
CA VAL B 124 -6.39 -0.89 22.56
C VAL B 124 -6.02 -1.81 21.41
N VAL B 125 -5.03 -2.67 21.63
CA VAL B 125 -4.55 -3.56 20.58
C VAL B 125 -4.59 -4.99 21.08
N GLU B 126 -4.94 -5.90 20.18
CA GLU B 126 -4.99 -7.33 20.44
C GLU B 126 -4.24 -8.04 19.33
N PHE B 127 -3.32 -8.92 19.70
CA PHE B 127 -2.53 -9.67 18.74
C PHE B 127 -3.03 -11.11 18.69
N SER B 128 -2.91 -11.72 17.52
CA SER B 128 -3.36 -13.10 17.36
C SER B 128 -2.61 -13.75 16.21
N THR B 129 -2.57 -15.08 16.23
CA THR B 129 -1.99 -15.86 15.16
C THR B 129 -2.95 -16.97 14.79
N THR B 130 -2.78 -17.51 13.59
CA THR B 130 -3.52 -18.68 13.15
C THR B 130 -2.60 -19.60 12.36
N ARG B 131 -2.83 -20.90 12.49
CA ARG B 131 -2.08 -21.89 11.74
C ARG B 131 -2.72 -22.21 10.39
N SER B 132 -3.87 -21.61 10.09
CA SER B 132 -4.50 -21.81 8.80
C SER B 132 -3.69 -21.15 7.69
N HIS B 133 -3.65 -21.80 6.53
CA HIS B 133 -3.08 -21.22 5.32
C HIS B 133 -4.15 -20.61 4.44
N ASN B 134 -5.36 -20.43 4.96
CA ASN B 134 -6.51 -19.95 4.21
C ASN B 134 -6.93 -18.59 4.75
N ILE B 135 -7.34 -17.70 3.84
CA ILE B 135 -7.76 -16.36 4.23
C ILE B 135 -8.89 -16.41 5.25
N GLY B 136 -9.74 -17.45 5.17
CA GLY B 136 -10.79 -17.61 6.15
C GLY B 136 -10.30 -17.73 7.58
N GLY B 137 -9.13 -18.34 7.77
CA GLY B 137 -8.58 -18.46 9.12
C GLY B 137 -8.13 -17.11 9.69
N LEU B 138 -7.42 -16.33 8.88
CA LEU B 138 -7.07 -14.97 9.28
C LEU B 138 -8.32 -14.18 9.63
N GLU B 139 -9.33 -14.24 8.75
CA GLU B 139 -10.57 -13.50 8.98
C GLU B 139 -11.24 -13.97 10.27
N ALA B 140 -11.19 -15.27 10.55
CA ALA B 140 -11.83 -15.79 11.75
C ALA B 140 -11.14 -15.28 13.02
N ALA B 141 -9.81 -15.32 13.06
CA ALA B 141 -9.10 -14.80 14.23
C ALA B 141 -9.39 -13.32 14.42
N TYR B 142 -9.41 -12.56 13.32
CA TYR B 142 -9.61 -11.12 13.39
C TYR B 142 -11.02 -10.79 13.87
N ARG B 143 -12.02 -11.45 13.28
CA ARG B 143 -13.40 -11.33 13.72
C ARG B 143 -13.54 -11.68 15.20
N THR B 144 -12.88 -12.75 15.64
CA THR B 144 -12.99 -13.16 17.04
C THR B 144 -12.51 -12.05 17.97
N LYS B 145 -11.39 -11.40 17.62
CA LYS B 145 -10.92 -10.33 18.50
C LYS B 145 -11.87 -9.12 18.48
N ILE B 146 -12.38 -8.76 17.31
CA ILE B 146 -13.31 -7.61 17.20
C ILE B 146 -14.55 -7.88 18.05
N GLU B 147 -15.07 -9.10 17.97
CA GLU B 147 -16.28 -9.50 18.72
C GLU B 147 -16.01 -9.53 20.22
N LYS B 148 -14.81 -9.93 20.59
CA LYS B 148 -14.46 -9.99 22.03
C LYS B 148 -14.49 -8.63 22.70
N TYR B 149 -14.05 -7.59 22.02
CA TYR B 149 -13.90 -6.29 22.70
C TYR B 149 -14.82 -5.19 22.24
N ARG B 150 -15.51 -5.32 21.14
CA ARG B 150 -16.31 -4.16 20.69
C ARG B 150 -17.41 -3.78 21.69
N ASP B 151 -18.16 -4.73 22.19
CA ASP B 151 -19.24 -4.42 23.14
C ASP B 151 -18.73 -3.82 24.44
N PRO B 152 -17.77 -4.42 25.15
CA PRO B 152 -17.26 -3.77 26.38
C PRO B 152 -16.73 -2.36 26.14
N ILE B 153 -15.85 -2.20 25.15
CA ILE B 153 -15.25 -0.89 24.90
C ILE B 153 -16.32 0.11 24.46
N SER B 154 -17.30 -0.34 23.67
CA SER B 154 -18.37 0.56 23.26
C SER B 154 -19.20 1.02 24.44
N ARG B 155 -19.50 0.11 25.38
CA ARG B 155 -20.18 0.51 26.60
C ARG B 155 -19.35 1.54 27.38
N ARG B 156 -18.04 1.33 27.48
CA ARG B 156 -17.19 2.33 28.13
C ARG B 156 -17.28 3.67 27.43
N VAL B 157 -17.22 3.66 26.10
CA VAL B 157 -17.22 4.91 25.33
C VAL B 157 -18.55 5.63 25.50
N ASP B 158 -19.64 4.89 25.67
CA ASP B 158 -20.95 5.50 25.84
C ASP B 158 -21.06 6.30 27.13
N ILE B 159 -20.23 6.00 28.13
CA ILE B 159 -20.26 6.71 29.41
C ILE B 159 -19.04 7.59 29.60
N GLU B 161 -17.18 11.21 28.23
CA GLU B 161 -17.64 12.46 27.65
C GLU B 161 -17.04 12.69 26.26
N ASN B 162 -15.72 12.70 26.16
CA ASN B 162 -14.99 12.97 24.92
C ASN B 162 -14.08 11.82 24.54
N PRO B 163 -14.64 10.67 24.19
CA PRO B 163 -13.79 9.53 23.86
C PRO B 163 -13.21 9.61 22.45
N ARG B 164 -11.91 9.31 22.37
CA ARG B 164 -11.25 9.01 21.11
C ARG B 164 -10.54 7.68 21.34
N VAL B 165 -11.18 6.60 20.91
CA VAL B 165 -10.72 5.25 21.22
C VAL B 165 -10.62 4.46 19.92
N PHE B 166 -9.52 3.74 19.77
CA PHE B 166 -9.28 2.90 18.60
C PHE B 166 -8.94 1.50 19.08
N PHE B 167 -9.64 0.51 18.54
CA PHE B 167 -9.39 -0.89 18.87
C PHE B 167 -8.66 -1.54 17.69
N GLY B 168 -7.41 -1.90 17.91
CA GLY B 168 -6.57 -2.46 16.87
C GLY B 168 -6.45 -3.97 16.98
N VAL B 169 -6.33 -4.61 15.82
CA VAL B 169 -6.19 -6.06 15.73
C VAL B 169 -5.11 -6.36 14.68
N ILE B 170 -4.14 -7.18 15.06
CA ILE B 170 -3.12 -7.67 14.14
C ILE B 170 -3.14 -9.19 14.22
N VAL B 171 -3.42 -9.84 13.09
CA VAL B 171 -3.47 -11.29 12.98
C VAL B 171 -2.40 -11.72 12.01
N VAL B 172 -1.54 -12.65 12.44
CA VAL B 172 -0.39 -13.09 11.67
C VAL B 172 -0.57 -14.56 11.34
N SER B 173 -0.25 -14.92 10.10
CA SER B 173 -0.18 -16.32 9.68
C SER B 173 1.09 -16.52 8.87
N SER B 174 1.32 -17.77 8.47
CA SER B 174 2.48 -18.07 7.62
C SER B 174 2.42 -17.31 6.31
N GLY B 175 1.21 -17.16 5.74
CA GLY B 175 1.04 -16.62 4.41
C GLY B 175 0.51 -15.22 4.31
N GLY B 176 0.16 -14.58 5.42
CA GLY B 176 -0.33 -13.21 5.35
C GLY B 176 -0.57 -12.62 6.72
N VAL B 177 -0.71 -11.30 6.73
CA VAL B 177 -1.08 -10.54 7.93
C VAL B 177 -2.36 -9.80 7.63
N LEU B 178 -3.29 -9.83 8.58
CA LEU B 178 -4.53 -9.08 8.48
C LEU B 178 -4.59 -8.13 9.67
N SER B 179 -4.61 -6.83 9.40
CA SER B 179 -4.44 -5.85 10.46
C SER B 179 -5.13 -4.54 10.10
N ASN B 180 -5.74 -3.91 11.11
CA ASN B 180 -6.20 -2.54 10.98
C ASN B 180 -5.23 -1.54 11.58
N PRO B 182 -1.93 0.07 10.47
CA PRO B 182 -1.14 0.17 9.25
C PRO B 182 0.30 -0.30 9.50
N LEU B 183 0.76 -1.20 8.63
CA LEU B 183 2.11 -1.73 8.68
C LEU B 183 2.79 -1.48 7.35
N THR B 184 4.12 -1.41 7.38
CA THR B 184 4.84 -1.55 6.12
C THR B 184 4.87 -3.03 5.74
N GLN B 185 5.04 -3.28 4.44
CA GLN B 185 5.17 -4.66 3.99
C GLN B 185 6.34 -5.34 4.68
N ASP B 186 7.44 -4.61 4.91
CA ASP B 186 8.59 -5.19 5.61
C ASP B 186 8.22 -5.61 7.03
N GLU B 187 7.49 -4.77 7.75
CA GLU B 187 7.06 -5.13 9.11
C GLU B 187 6.18 -6.37 9.09
N ALA B 188 5.25 -6.42 8.13
CA ALA B 188 4.36 -7.58 8.04
C ALA B 188 5.13 -8.86 7.70
N GLU B 189 6.11 -8.75 6.79
CA GLU B 189 6.93 -9.90 6.44
C GLU B 189 7.74 -10.38 7.64
N GLU B 190 8.29 -9.44 8.41
CA GLU B 190 9.05 -9.83 9.59
C GLU B 190 8.16 -10.51 10.63
N LEU B 191 6.94 -9.99 10.81
CA LEU B 191 6.00 -10.64 11.72
C LEU B 191 5.69 -12.06 11.24
N TYR B 193 7.59 -13.99 9.41
CA TYR B 193 8.79 -14.81 9.59
C TYR B 193 8.95 -15.23 11.05
N ARG B 194 8.77 -14.28 11.96
CA ARG B 194 8.76 -14.62 13.38
C ARG B 194 7.73 -15.68 13.69
N PHE B 195 6.55 -15.58 13.08
CA PHE B 195 5.52 -16.60 13.33
C PHE B 195 5.95 -17.95 12.77
N CYS B 196 6.57 -17.97 11.60
CA CYS B 196 7.06 -19.25 11.06
C CYS B 196 8.02 -19.91 12.03
N ILE B 197 8.96 -19.13 12.58
CA ILE B 197 9.88 -19.67 13.59
C ILE B 197 9.10 -20.16 14.81
N ALA B 198 8.18 -19.33 15.30
CA ALA B 198 7.42 -19.67 16.50
C ALA B 198 6.64 -20.96 16.31
N ASN B 199 5.97 -21.12 15.16
CA ASN B 199 5.20 -22.33 14.91
C ASN B 199 6.10 -23.54 14.73
N GLU B 200 7.30 -23.37 14.17
CA GLU B 200 8.22 -24.51 14.11
C GLU B 200 8.58 -24.96 15.51
N ILE B 201 8.90 -24.01 16.39
CA ILE B 201 9.19 -24.32 17.78
C ILE B 201 8.01 -25.03 18.42
N TYR B 202 6.81 -24.47 18.24
CA TYR B 202 5.62 -25.00 18.86
C TYR B 202 5.30 -26.42 18.37
N THR B 203 5.39 -26.63 17.06
CA THR B 203 5.15 -27.95 16.49
C THR B 203 6.13 -28.97 17.07
N LYS B 204 7.41 -28.61 17.13
CA LYS B 204 8.38 -29.52 17.74
C LYS B 204 8.03 -29.82 19.19
N ALA B 205 7.69 -28.78 19.97
CA ALA B 205 7.37 -28.99 21.38
C ALA B 205 6.14 -29.88 21.55
N ARG B 206 5.09 -29.63 20.77
CA ARG B 206 3.87 -30.42 20.91
C ARG B 206 4.03 -31.84 20.39
N SER B 207 4.96 -32.05 19.46
CA SER B 207 5.25 -33.39 18.98
C SER B 207 5.87 -34.27 20.06
N ASP B 209 5.26 -33.38 23.58
CA ASP B 209 4.32 -33.21 24.69
C ASP B 209 3.01 -32.76 24.07
N ALA B 210 2.15 -33.74 23.72
CA ALA B 210 0.88 -33.43 23.07
C ALA B 210 -0.04 -32.61 23.94
N ASP B 211 0.12 -32.69 25.27
CA ASP B 211 -0.78 -31.98 26.17
C ASP B 211 -0.75 -30.49 25.91
N ILE B 212 0.37 -29.99 25.37
CA ILE B 212 0.49 -28.57 25.07
C ILE B 212 -0.62 -28.15 24.11
N GLU B 213 -0.84 -28.95 23.06
CA GLU B 213 -1.92 -28.65 22.14
C GLU B 213 -3.25 -28.58 22.88
N LEU B 214 -3.49 -29.55 23.76
CA LEU B 214 -4.71 -29.53 24.56
C LEU B 214 -4.80 -28.22 25.33
N GLN B 215 -3.72 -27.82 26.00
CA GLN B 215 -3.76 -26.58 26.75
C GLN B 215 -4.13 -25.43 25.83
N LYS B 216 -3.50 -25.38 24.65
CA LYS B 216 -3.78 -24.30 23.71
C LYS B 216 -5.28 -24.24 23.46
N SER B 217 -5.88 -25.39 23.15
CA SER B 217 -7.29 -25.42 22.82
C SER B 217 -8.13 -24.84 23.95
N GLU B 218 -7.85 -25.24 25.19
CA GLU B 218 -8.72 -24.72 26.23
C GLU B 218 -8.43 -23.26 26.51
N GLU B 219 -7.16 -22.86 26.46
CA GLU B 219 -6.84 -21.49 26.79
C GLU B 219 -7.50 -20.57 25.78
N GLU B 220 -7.32 -20.86 24.50
CA GLU B 220 -7.96 -20.07 23.46
C GLU B 220 -9.47 -20.09 23.62
N LEU B 221 -10.02 -21.24 24.03
CA LEU B 221 -11.46 -21.30 24.25
C LEU B 221 -11.87 -20.31 25.32
N GLU B 222 -11.17 -20.32 26.47
CA GLU B 222 -11.53 -19.37 27.51
C GLU B 222 -11.29 -17.95 27.04
N ALA B 223 -10.33 -17.75 26.14
CA ALA B 223 -10.03 -16.41 25.66
C ALA B 223 -11.08 -15.88 24.72
N ILE B 224 -12.04 -16.71 24.28
CA ILE B 224 -13.12 -16.20 23.43
C ILE B 224 -13.87 -15.09 24.14
N SER B 225 -14.09 -15.24 25.45
CA SER B 225 -14.97 -14.36 26.21
C SER B 225 -14.36 -13.76 27.46
N ARG B 226 -13.27 -14.30 27.98
CA ARG B 226 -12.70 -13.83 29.25
C ARG B 226 -11.41 -13.02 29.09
N ASN C 2 24.91 10.95 -20.82
CA ASN C 2 25.78 11.20 -19.68
C ASN C 2 25.05 12.01 -18.62
N LEU C 3 25.21 11.59 -17.37
CA LEU C 3 24.54 12.23 -16.25
C LEU C 3 25.20 13.55 -15.89
N GLU C 4 26.53 13.61 -16.01
CA GLU C 4 27.29 14.82 -15.73
C GLU C 4 26.87 15.96 -16.66
N VAL C 5 26.65 15.63 -17.94
CA VAL C 5 26.18 16.62 -18.90
C VAL C 5 24.83 17.18 -18.47
N LEU C 6 23.91 16.31 -18.06
CA LEU C 6 22.61 16.76 -17.60
C LEU C 6 22.75 17.68 -16.41
N CYS C 7 23.56 17.29 -15.42
CA CYS C 7 23.74 18.13 -14.23
C CYS C 7 24.38 19.46 -14.58
N GLY C 8 25.10 19.54 -15.70
CA GLY C 8 25.64 20.83 -16.11
C GLY C 8 24.62 21.79 -16.67
N ARG C 9 23.42 21.31 -16.99
CA ARG C 9 22.34 22.13 -17.53
C ARG C 9 21.44 22.66 -16.43
N ILE C 10 21.82 22.43 -15.19
CA ILE C 10 21.02 22.76 -14.03
C ILE C 10 21.74 23.87 -13.27
N ASN C 11 20.95 24.71 -12.61
CA ASN C 11 21.48 25.73 -11.72
C ASN C 11 21.23 25.19 -10.32
N VAL C 12 22.28 25.05 -9.54
CA VAL C 12 22.14 24.56 -8.18
C VAL C 12 22.39 25.75 -7.27
N GLU C 13 21.29 26.31 -6.79
CA GLU C 13 21.30 27.47 -5.93
C GLU C 13 21.60 27.02 -4.50
N ASN C 14 21.69 27.97 -3.58
CA ASN C 14 21.82 27.59 -2.18
C ASN C 14 20.48 27.05 -1.67
N GLY C 15 20.55 25.97 -0.90
CA GLY C 15 19.34 25.34 -0.42
C GLY C 15 18.88 24.21 -1.33
N LEU C 16 17.57 23.97 -1.37
CA LEU C 16 16.98 22.92 -2.18
C LEU C 16 16.15 23.54 -3.31
N SER C 17 16.45 23.13 -4.55
CA SER C 17 15.70 23.56 -5.72
C SER C 17 14.95 22.38 -6.33
N LEU C 18 13.72 22.61 -6.75
CA LEU C 18 12.93 21.62 -7.47
C LEU C 18 12.83 21.92 -8.96
N GLY C 19 13.61 22.86 -9.47
CA GLY C 19 13.74 23.16 -10.88
C GLY C 19 12.44 23.60 -11.55
N GLU C 20 12.35 23.36 -12.85
CA GLU C 20 11.19 23.72 -13.65
C GLU C 20 10.79 22.49 -14.47
N PRO C 21 9.55 22.02 -14.35
CA PRO C 21 9.10 20.89 -15.19
C PRO C 21 9.04 21.30 -16.65
N GLY C 22 9.55 20.43 -17.51
CA GLY C 22 9.45 20.63 -18.95
C GLY C 22 8.87 19.42 -19.63
N LEU C 23 7.97 19.67 -20.58
CA LEU C 23 7.30 18.62 -21.32
C LEU C 23 7.94 18.42 -22.69
N TYR C 24 8.21 17.17 -23.04
CA TYR C 24 8.74 16.80 -24.36
C TYR C 24 7.78 15.80 -25.00
N ASP C 25 6.92 16.26 -25.89
CA ASP C 25 6.04 15.34 -26.60
C ASP C 25 6.81 14.58 -27.66
N GLN C 26 6.30 13.39 -28.00
CA GLN C 26 6.90 12.60 -29.07
C GLN C 26 6.56 13.22 -30.41
N ILE C 27 7.59 13.62 -31.16
CA ILE C 27 7.38 14.27 -32.46
C ILE C 27 8.23 13.67 -33.57
N TYR C 28 9.35 13.00 -33.29
CA TYR C 28 10.19 12.43 -34.33
C TYR C 28 9.45 11.34 -35.12
N ASP C 29 9.91 11.14 -36.35
CA ASP C 29 9.55 9.98 -37.17
C ASP C 29 10.25 8.73 -36.63
N ARG C 30 9.55 7.95 -35.86
CA ARG C 30 10.20 6.81 -35.23
C ARG C 30 10.27 5.58 -36.12
N PRO C 31 11.40 4.90 -36.13
CA PRO C 31 11.47 3.57 -36.75
C PRO C 31 10.70 2.58 -35.90
N GLY C 32 10.41 1.44 -36.49
CA GLY C 32 9.84 0.34 -35.74
C GLY C 32 10.81 -0.17 -34.70
N LEU C 33 10.28 -1.00 -33.81
CA LEU C 33 11.11 -1.60 -32.78
C LEU C 33 12.03 -2.65 -33.41
N PRO C 34 13.18 -2.92 -32.80
CA PRO C 34 14.01 -4.02 -33.26
C PRO C 34 13.35 -5.35 -32.96
N ASP C 35 13.75 -6.36 -33.74
CA ASP C 35 13.28 -7.71 -33.49
C ASP C 35 13.67 -8.14 -32.08
N LEU C 36 12.67 -8.63 -31.34
CA LEU C 36 12.85 -9.09 -29.96
C LEU C 36 12.08 -10.39 -29.77
N ASP C 37 12.80 -11.47 -29.49
CA ASP C 37 12.24 -12.75 -29.03
C ASP C 37 12.72 -13.01 -27.60
N VAL C 38 11.79 -13.22 -26.68
CA VAL C 38 12.08 -13.19 -25.25
C VAL C 38 11.76 -14.53 -24.65
N THR C 39 12.69 -15.05 -23.83
CA THR C 39 12.50 -16.32 -23.15
C THR C 39 12.69 -16.18 -21.64
N VAL C 40 11.80 -16.84 -20.90
CA VAL C 40 11.68 -16.77 -19.45
C VAL C 40 11.79 -18.18 -18.88
N ASP C 41 12.62 -18.35 -17.85
CA ASP C 41 12.75 -19.62 -17.15
C ASP C 41 13.27 -19.33 -15.75
N ALA C 42 13.70 -20.38 -15.06
CA ALA C 42 14.17 -20.21 -13.68
C ALA C 42 15.38 -19.29 -13.60
N THR C 43 16.27 -19.30 -14.61
CA THR C 43 17.36 -18.33 -14.60
C THR C 43 16.83 -16.90 -14.59
N GLY C 44 15.94 -16.57 -15.52
CA GLY C 44 15.46 -15.22 -15.69
C GLY C 44 14.87 -15.04 -17.09
N VAL C 45 14.93 -13.81 -17.56
CA VAL C 45 14.43 -13.42 -18.88
C VAL C 45 15.63 -13.27 -19.79
N THR C 46 15.60 -13.99 -20.91
CA THR C 46 16.61 -13.90 -21.95
C THR C 46 16.06 -13.09 -23.11
N VAL C 47 16.75 -12.02 -23.50
CA VAL C 47 16.31 -11.16 -24.59
C VAL C 47 17.39 -11.10 -25.65
N ASP C 48 16.99 -11.37 -26.88
CA ASP C 48 17.83 -11.21 -28.06
C ASP C 48 17.26 -10.06 -28.88
N ILE C 49 18.01 -8.96 -28.96
CA ILE C 49 17.56 -7.74 -29.60
C ILE C 49 18.12 -7.71 -31.02
N GLY C 50 17.23 -7.65 -32.00
CA GLY C 50 17.66 -7.53 -33.38
C GLY C 50 18.26 -6.15 -33.66
N ALA C 51 18.58 -5.94 -34.94
CA ALA C 51 19.19 -4.68 -35.33
C ALA C 51 18.15 -3.56 -35.37
N VAL C 52 18.55 -2.39 -34.92
CA VAL C 52 17.65 -1.22 -34.93
C VAL C 52 17.43 -0.77 -36.37
N PRO C 53 16.17 -0.58 -36.79
CA PRO C 53 15.90 -0.12 -38.16
C PRO C 53 16.51 1.25 -38.48
N ASP C 54 16.57 1.53 -39.77
CA ASP C 54 16.97 2.84 -40.26
C ASP C 54 15.87 3.87 -40.02
N SER C 55 16.28 5.12 -39.85
CA SER C 55 15.36 6.24 -39.81
C SER C 55 16.14 7.54 -39.97
N ALA C 56 15.44 8.56 -40.46
CA ALA C 56 16.03 9.90 -40.50
C ALA C 56 16.43 10.36 -39.10
N SER C 57 15.59 10.03 -38.10
CA SER C 57 15.81 10.47 -36.72
C SER C 57 17.07 9.86 -36.11
N GLN C 58 17.51 8.70 -36.59
CA GLN C 58 18.67 7.98 -36.06
C GLN C 58 18.44 7.47 -34.65
N LEU C 59 17.19 7.36 -34.21
CA LEU C 59 16.89 6.80 -32.90
C LEU C 59 17.33 5.34 -32.82
N GLY C 60 17.67 4.92 -31.59
CA GLY C 60 18.20 3.59 -31.36
C GLY C 60 19.70 3.52 -31.27
N SER C 61 20.40 4.64 -31.41
CA SER C 61 21.86 4.64 -31.39
C SER C 61 22.44 4.13 -30.07
N SER C 62 21.63 4.06 -29.02
CA SER C 62 22.08 3.59 -27.72
C SER C 62 21.75 2.12 -27.48
N ILE C 63 21.03 1.48 -28.39
CA ILE C 63 20.68 0.07 -28.27
C ILE C 63 21.83 -0.77 -28.82
N ASN C 64 22.26 -1.73 -27.99
CA ASN C 64 23.28 -2.71 -28.44
C ASN C 64 22.57 -4.01 -28.81
N ALA C 65 22.51 -4.32 -30.08
CA ALA C 65 21.90 -5.57 -30.52
C ALA C 65 22.65 -6.75 -29.92
N GLY C 66 21.95 -7.88 -29.80
CA GLY C 66 22.57 -9.06 -29.24
C GLY C 66 21.76 -9.63 -28.10
N LEU C 67 22.49 -10.21 -27.16
CA LEU C 67 21.81 -10.96 -26.09
C LEU C 67 22.10 -10.40 -24.71
N ILE C 68 21.02 -10.33 -23.96
CA ILE C 68 21.01 -9.89 -22.58
C ILE C 68 20.14 -10.87 -21.80
N THR C 69 20.46 -11.05 -20.53
CA THR C 69 19.65 -11.84 -19.63
C THR C 69 19.40 -11.03 -18.37
N ILE C 70 18.15 -11.03 -17.91
CA ILE C 70 17.75 -10.32 -16.70
C ILE C 70 17.40 -11.35 -15.63
N GLN C 71 17.92 -11.14 -14.42
CA GLN C 71 17.57 -12.03 -13.33
C GLN C 71 16.06 -12.00 -13.13
N LEU C 72 15.49 -13.18 -12.86
CA LEU C 72 14.03 -13.23 -12.75
C LEU C 72 13.55 -12.26 -11.68
N SER C 73 14.28 -12.19 -10.57
CA SER C 73 13.91 -11.34 -9.45
C SER C 73 13.92 -9.86 -9.81
N GLU C 74 14.37 -9.50 -11.00
CA GLU C 74 14.40 -8.11 -11.41
C GLU C 74 13.58 -7.82 -12.66
N ALA C 75 12.94 -8.85 -13.25
CA ALA C 75 12.09 -8.57 -14.41
C ALA C 75 11.05 -7.50 -14.09
N TYR C 76 10.61 -7.45 -12.83
CA TYR C 76 9.59 -6.51 -12.40
C TYR C 76 9.92 -5.08 -12.78
N LYS C 77 11.20 -4.69 -12.75
CA LYS C 77 11.53 -3.29 -13.04
C LYS C 77 12.23 -3.12 -14.38
N ILE C 78 11.96 -4.04 -15.33
CA ILE C 78 12.56 -3.92 -16.67
C ILE C 78 12.35 -2.54 -17.24
N ASN C 79 11.09 -2.09 -17.28
CA ASN C 79 10.76 -0.78 -17.85
C ASN C 79 11.64 0.32 -17.27
N HIS C 80 11.85 0.28 -15.95
CA HIS C 80 12.74 1.26 -15.34
C HIS C 80 14.18 1.01 -15.80
N ASP C 81 14.69 -0.19 -15.52
CA ASP C 81 16.12 -0.42 -15.60
C ASP C 81 16.63 -0.32 -17.03
N PHE C 82 15.84 -0.79 -17.99
CA PHE C 82 16.27 -0.70 -19.38
C PHE C 82 16.17 0.73 -19.90
N THR C 83 15.17 1.50 -19.45
CA THR C 83 15.01 2.84 -20.03
C THR C 83 16.16 3.75 -19.64
N PHE C 84 16.67 3.62 -18.41
CA PHE C 84 17.63 4.56 -17.85
C PHE C 84 18.99 3.95 -17.62
N SER C 85 19.29 2.81 -18.24
CA SER C 85 20.58 2.15 -17.98
C SER C 85 21.75 3.02 -18.41
N GLY C 86 21.55 3.84 -19.43
CA GLY C 86 22.57 4.79 -19.84
C GLY C 86 22.92 5.81 -18.77
N LEU C 87 22.06 5.98 -17.77
CA LEU C 87 22.31 6.96 -16.72
C LEU C 87 22.50 6.34 -15.34
N SER C 88 22.09 5.10 -15.12
CA SER C 88 22.24 4.49 -13.80
C SER C 88 23.50 3.62 -13.74
N LYS C 89 24.64 4.20 -14.05
CA LYS C 89 25.92 3.55 -13.82
C LYS C 89 26.42 3.73 -12.39
N THR C 90 25.88 4.69 -11.66
CA THR C 90 26.40 4.98 -10.33
C THR C 90 25.93 3.87 -9.38
N THR C 91 26.53 3.83 -8.19
CA THR C 91 26.47 2.62 -7.38
C THR C 91 25.30 2.60 -6.40
N ASP C 92 24.19 3.26 -6.72
CA ASP C 92 23.00 3.27 -5.87
C ASP C 92 23.30 3.52 -4.39
N ARG C 93 23.57 4.76 -4.03
CA ARG C 93 23.86 5.14 -2.66
C ARG C 93 22.61 5.66 -1.97
N ARG C 94 22.53 5.39 -0.67
CA ARG C 94 21.43 5.88 0.16
C ARG C 94 21.75 7.25 0.74
N LEU C 95 20.70 7.92 1.23
CA LEU C 95 20.81 9.32 1.63
C LEU C 95 21.87 9.52 2.71
N SER C 96 21.94 8.62 3.69
CA SER C 96 22.88 8.79 4.79
C SER C 96 24.33 8.68 4.35
N GLU C 97 24.59 8.13 3.17
CA GLU C 97 25.94 8.05 2.64
C GLU C 97 26.43 9.35 2.02
N VAL C 98 25.56 10.35 1.81
CA VAL C 98 25.99 11.63 1.25
C VAL C 98 25.52 12.76 2.15
N PHE C 99 24.45 12.53 2.89
CA PHE C 99 23.83 13.58 3.68
C PHE C 99 24.10 13.33 5.16
N PRO C 100 24.07 14.38 5.98
CA PRO C 100 24.19 14.18 7.43
C PRO C 100 23.09 13.26 7.94
N ILE C 101 23.45 12.44 8.93
CA ILE C 101 22.45 11.57 9.54
C ILE C 101 21.39 12.42 10.22
N THR C 102 20.13 12.05 10.02
CA THR C 102 19.01 12.79 10.56
C THR C 102 18.12 11.96 11.48
N HIS C 103 18.19 10.63 11.38
CA HIS C 103 17.36 9.73 12.18
C HIS C 103 15.90 10.14 12.17
N ASP C 104 15.41 10.50 10.98
CA ASP C 104 14.01 10.80 10.76
C ASP C 104 13.27 9.65 10.07
N GLY C 105 13.92 8.50 9.91
CA GLY C 105 13.34 7.37 9.23
C GLY C 105 13.68 7.27 7.75
N SER C 106 14.34 8.29 7.20
CA SER C 106 14.64 8.35 5.77
C SER C 106 16.12 8.14 5.45
N ASP C 107 16.96 7.96 6.47
CA ASP C 107 18.41 7.84 6.25
C ASP C 107 18.75 6.77 5.24
N GLY C 108 17.91 5.75 5.12
CA GLY C 108 18.16 4.65 4.22
C GLY C 108 17.48 4.75 2.88
N THR C 110 16.96 5.26 -0.85
CA THR C 110 17.94 5.07 -1.92
C THR C 110 17.36 5.58 -3.22
N PRO C 111 17.64 6.81 -3.61
CA PRO C 111 17.22 7.28 -4.94
C PRO C 111 18.08 6.63 -6.01
N ASP C 112 17.63 6.78 -7.26
CA ASP C 112 18.38 6.18 -8.36
C ASP C 112 19.76 6.80 -8.50
N VAL C 113 19.89 8.10 -8.20
CA VAL C 113 21.14 8.82 -8.34
C VAL C 113 21.30 9.79 -7.18
N ILE C 114 22.47 9.78 -6.55
CA ILE C 114 22.98 10.91 -5.78
C ILE C 114 24.32 11.26 -6.41
N HIS C 115 24.42 12.47 -6.93
CA HIS C 115 25.56 12.86 -7.76
C HIS C 115 26.22 14.05 -7.09
N THR C 116 27.43 13.83 -6.59
CA THR C 116 28.22 14.89 -5.95
C THR C 116 29.29 15.37 -6.91
N ARG C 117 29.30 16.66 -7.20
CA ARG C 117 30.31 17.25 -8.06
C ARG C 117 31.38 17.94 -7.21
N LEU C 118 32.51 18.22 -7.85
CA LEU C 118 33.62 18.84 -7.14
C LEU C 118 33.27 20.21 -6.57
N ASP C 119 32.32 20.91 -7.20
CA ASP C 119 31.92 22.24 -6.74
C ASP C 119 31.04 22.22 -5.50
N GLY C 120 30.80 21.04 -4.90
CA GLY C 120 30.05 20.92 -3.68
C GLY C 120 28.56 20.71 -3.84
N THR C 121 28.03 20.87 -5.05
CA THR C 121 26.61 20.66 -5.30
C THR C 121 26.25 19.17 -5.23
N ILE C 122 25.11 18.88 -4.60
CA ILE C 122 24.54 17.54 -4.55
C ILE C 122 23.31 17.50 -5.44
N VAL C 123 23.29 16.60 -6.41
CA VAL C 123 22.14 16.44 -7.29
C VAL C 123 21.56 15.07 -7.03
N VAL C 124 20.35 15.02 -6.47
CA VAL C 124 19.60 13.79 -6.27
C VAL C 124 18.64 13.63 -7.43
N VAL C 125 18.68 12.47 -8.10
CA VAL C 125 17.84 12.23 -9.27
C VAL C 125 17.05 10.95 -9.06
N GLU C 126 15.81 10.96 -9.53
CA GLU C 126 14.90 9.83 -9.47
C GLU C 126 14.32 9.62 -10.85
N PHE C 127 14.38 8.39 -11.35
CA PHE C 127 13.86 8.06 -12.67
C PHE C 127 12.56 7.27 -12.52
N SER C 128 11.68 7.44 -13.50
CA SER C 128 10.41 6.73 -13.47
C SER C 128 9.87 6.61 -14.88
N THR C 129 9.00 5.62 -15.08
CA THR C 129 8.28 5.42 -16.34
C THR C 129 6.82 5.20 -16.04
N THR C 130 5.97 5.43 -17.03
CA THR C 130 4.57 5.11 -16.94
C THR C 130 4.08 4.53 -18.25
N ARG C 131 3.16 3.57 -18.16
CA ARG C 131 2.56 2.97 -19.35
C ARG C 131 1.31 3.70 -19.81
N SER C 132 0.85 4.71 -19.06
CA SER C 132 -0.26 5.53 -19.51
C SER C 132 0.19 6.42 -20.66
N HIS C 133 -0.71 6.64 -21.62
CA HIS C 133 -0.47 7.58 -22.70
C HIS C 133 -1.08 8.95 -22.43
N ASN C 134 -1.44 9.23 -21.18
CA ASN C 134 -2.12 10.46 -20.81
C ASN C 134 -1.17 11.31 -19.98
N ILE C 135 -1.19 12.62 -20.22
CA ILE C 135 -0.29 13.55 -19.52
C ILE C 135 -0.43 13.41 -18.01
N GLY C 136 -1.62 13.05 -17.54
CA GLY C 136 -1.83 12.82 -16.12
C GLY C 136 -0.94 11.74 -15.54
N GLY C 137 -0.59 10.72 -16.34
CA GLY C 137 0.29 9.68 -15.83
C GLY C 137 1.71 10.18 -15.58
N LEU C 138 2.25 10.92 -16.54
CA LEU C 138 3.55 11.57 -16.34
C LEU C 138 3.51 12.46 -15.12
N GLU C 139 2.47 13.31 -15.02
CA GLU C 139 2.36 14.22 -13.91
C GLU C 139 2.26 13.46 -12.58
N ALA C 140 1.56 12.33 -12.57
CA ALA C 140 1.41 11.56 -11.35
C ALA C 140 2.74 11.00 -10.88
N ALA C 141 3.51 10.41 -11.80
CA ALA C 141 4.82 9.88 -11.42
C ALA C 141 5.72 10.98 -10.90
N TYR C 142 5.69 12.13 -11.56
CA TYR C 142 6.57 13.24 -11.21
C TYR C 142 6.20 13.81 -9.83
N ARG C 143 4.91 14.07 -9.62
CA ARG C 143 4.40 14.48 -8.32
C ARG C 143 4.78 13.49 -7.22
N THR C 144 4.63 12.19 -7.51
CA THR C 144 4.94 11.19 -6.50
C THR C 144 6.40 11.27 -6.07
N LYS C 145 7.31 11.46 -7.02
CA LYS C 145 8.72 11.56 -6.65
C LYS C 145 9.00 12.83 -5.83
N ILE C 146 8.44 13.96 -6.26
CA ILE C 146 8.59 15.19 -5.49
C ILE C 146 8.13 14.98 -4.04
N GLU C 147 6.97 14.35 -3.87
CA GLU C 147 6.41 14.18 -2.53
C GLU C 147 7.22 13.18 -1.72
N LYS C 148 7.80 12.17 -2.36
CA LYS C 148 8.65 11.23 -1.65
C LYS C 148 9.88 11.91 -1.08
N TYR C 149 10.54 12.77 -1.88
CA TYR C 149 11.87 13.21 -1.49
C TYR C 149 11.97 14.64 -0.97
N ARG C 150 10.93 15.47 -1.07
CA ARG C 150 11.12 16.88 -0.73
C ARG C 150 11.36 17.08 0.77
N ASP C 151 10.50 16.52 1.62
CA ASP C 151 10.67 16.67 3.06
C ASP C 151 11.97 16.07 3.58
N PRO C 152 12.34 14.82 3.27
CA PRO C 152 13.64 14.31 3.75
C PRO C 152 14.83 15.19 3.37
N ILE C 153 14.92 15.55 2.08
CA ILE C 153 16.05 16.36 1.63
C ILE C 153 16.02 17.73 2.29
N SER C 154 14.81 18.28 2.50
CA SER C 154 14.71 19.58 3.16
C SER C 154 15.18 19.50 4.61
N ARG C 155 14.83 18.43 5.31
CA ARG C 155 15.34 18.23 6.67
C ARG C 155 16.85 18.13 6.67
N ARG C 156 17.43 17.40 5.70
CA ARG C 156 18.89 17.35 5.61
C ARG C 156 19.48 18.74 5.38
N VAL C 157 18.86 19.53 4.52
CA VAL C 157 19.39 20.84 4.16
C VAL C 157 19.42 21.76 5.37
N ASP C 158 18.45 21.62 6.28
CA ASP C 158 18.39 22.48 7.45
C ASP C 158 19.56 22.26 8.40
N ILE C 159 20.22 21.11 8.35
CA ILE C 159 21.32 20.81 9.26
C ILE C 159 22.67 20.77 8.53
N GLU C 161 25.91 22.89 6.43
CA GLU C 161 26.58 24.18 6.52
C GLU C 161 26.24 25.06 5.32
N ASN C 162 26.60 24.60 4.13
CA ASN C 162 26.45 25.36 2.89
C ASN C 162 25.82 24.43 1.86
N PRO C 163 24.54 24.09 2.04
CA PRO C 163 23.93 23.12 1.11
C PRO C 163 23.59 23.78 -0.22
N ARG C 164 23.95 23.09 -1.30
CA ARG C 164 23.48 23.38 -2.64
C ARG C 164 22.98 22.07 -3.21
N VAL C 165 21.66 21.85 -3.15
CA VAL C 165 21.06 20.57 -3.48
C VAL C 165 19.96 20.78 -4.51
N PHE C 166 19.91 19.91 -5.52
CA PHE C 166 18.90 19.94 -6.56
C PHE C 166 18.30 18.54 -6.68
N PHE C 167 16.97 18.46 -6.66
CA PHE C 167 16.27 17.19 -6.79
C PHE C 167 15.70 17.09 -8.20
N GLY C 168 16.22 16.15 -8.97
CA GLY C 168 15.83 15.98 -10.37
C GLY C 168 14.87 14.80 -10.53
N VAL C 169 13.96 14.95 -11.48
CA VAL C 169 12.97 13.94 -11.80
C VAL C 169 12.87 13.82 -13.32
N ILE C 170 12.98 12.61 -13.83
CA ILE C 170 12.75 12.31 -15.24
C ILE C 170 11.71 11.22 -15.34
N VAL C 171 10.59 11.50 -16.00
CA VAL C 171 9.51 10.53 -16.20
C VAL C 171 9.38 10.28 -17.69
N VAL C 172 9.45 9.02 -18.09
CA VAL C 172 9.44 8.63 -19.51
C VAL C 172 8.19 7.80 -19.78
N SER C 173 7.53 8.11 -20.89
CA SER C 173 6.44 7.30 -21.40
C SER C 173 6.61 7.10 -22.90
N SER C 174 5.72 6.31 -23.49
CA SER C 174 5.74 6.12 -24.93
C SER C 174 5.55 7.44 -25.67
N GLY C 175 4.68 8.31 -25.14
CA GLY C 175 4.28 9.50 -25.86
C GLY C 175 4.86 10.81 -25.38
N GLY C 176 5.63 10.80 -24.31
CA GLY C 176 6.23 12.04 -23.83
C GLY C 176 7.17 11.83 -22.67
N VAL C 177 7.97 12.85 -22.41
CA VAL C 177 8.89 12.90 -21.27
C VAL C 177 8.60 14.15 -20.45
N LEU C 178 8.56 13.99 -19.13
CA LEU C 178 8.37 15.10 -18.19
C LEU C 178 9.58 15.16 -17.26
N SER C 179 10.29 16.29 -17.27
CA SER C 179 11.56 16.39 -16.58
C SER C 179 11.82 17.82 -16.14
N ASN C 180 12.44 17.98 -14.96
CA ASN C 180 12.97 19.26 -14.53
C ASN C 180 14.46 19.36 -14.77
N PRO C 182 16.86 19.83 -18.07
CA PRO C 182 16.76 20.10 -19.52
C PRO C 182 17.36 18.98 -20.35
N LEU C 183 16.59 18.54 -21.34
CA LEU C 183 17.02 17.53 -22.29
C LEU C 183 16.94 18.14 -23.68
N THR C 184 17.74 17.61 -24.59
CA THR C 184 17.47 17.88 -25.98
C THR C 184 16.30 17.01 -26.43
N GLN C 185 15.61 17.44 -27.48
CA GLN C 185 14.54 16.62 -28.04
C GLN C 185 15.08 15.25 -28.44
N ASP C 186 16.32 15.20 -28.94
CA ASP C 186 16.92 13.93 -29.32
C ASP C 186 17.07 12.99 -28.12
N GLU C 187 17.54 13.53 -26.99
CA GLU C 187 17.67 12.71 -25.78
C GLU C 187 16.33 12.20 -25.30
N ALA C 188 15.30 13.06 -25.31
CA ALA C 188 13.98 12.64 -24.86
C ALA C 188 13.42 11.57 -25.78
N GLU C 189 13.61 11.73 -27.09
CA GLU C 189 13.15 10.73 -28.05
C GLU C 189 13.88 9.41 -27.85
N GLU C 190 15.17 9.46 -27.56
CA GLU C 190 15.93 8.23 -27.32
C GLU C 190 15.43 7.53 -26.06
N LEU C 191 15.15 8.30 -25.00
CA LEU C 191 14.58 7.71 -23.79
C LEU C 191 13.23 7.06 -24.09
N TYR C 193 12.11 5.88 -27.00
CA TYR C 193 12.33 4.69 -27.82
C TYR C 193 12.82 3.53 -26.97
N ARG C 194 13.79 3.79 -26.10
CA ARG C 194 14.25 2.78 -25.16
C ARG C 194 13.09 2.26 -24.32
N PHE C 195 12.19 3.15 -23.89
CA PHE C 195 11.04 2.70 -23.10
C PHE C 195 10.11 1.83 -23.93
N CYS C 196 9.90 2.17 -25.21
CA CYS C 196 9.07 1.33 -26.06
C CYS C 196 9.64 -0.09 -26.12
N ILE C 197 10.95 -0.19 -26.35
CA ILE C 197 11.62 -1.48 -26.37
C ILE C 197 11.44 -2.20 -25.02
N ALA C 198 11.71 -1.47 -23.93
CA ALA C 198 11.63 -2.05 -22.59
C ALA C 198 10.24 -2.57 -22.29
N ASN C 199 9.20 -1.81 -22.65
CA ASN C 199 7.84 -2.25 -22.38
C ASN C 199 7.48 -3.45 -23.22
N GLU C 200 7.98 -3.53 -24.46
CA GLU C 200 7.75 -4.73 -25.24
C GLU C 200 8.39 -5.94 -24.59
N ILE C 201 9.64 -5.79 -24.14
CA ILE C 201 10.33 -6.88 -23.46
C ILE C 201 9.55 -7.31 -22.22
N TYR C 202 9.14 -6.33 -21.41
CA TYR C 202 8.44 -6.60 -20.15
C TYR C 202 7.10 -7.27 -20.40
N THR C 203 6.33 -6.75 -21.34
CA THR C 203 5.09 -7.40 -21.73
C THR C 203 5.36 -8.83 -22.20
N LYS C 204 6.43 -9.04 -22.98
CA LYS C 204 6.74 -10.41 -23.41
C LYS C 204 6.96 -11.29 -22.19
N ALA C 205 7.77 -10.82 -21.24
CA ALA C 205 8.09 -11.60 -20.05
C ALA C 205 6.88 -11.87 -19.17
N ARG C 206 6.00 -10.88 -19.02
CA ARG C 206 4.85 -11.00 -18.14
C ARG C 206 3.82 -11.97 -18.68
N SER C 207 3.75 -12.11 -20.00
CA SER C 207 2.85 -13.08 -20.62
C SER C 207 3.26 -14.52 -20.31
N ASP C 209 5.26 -15.09 -17.20
CA ASP C 209 5.35 -15.08 -15.73
C ASP C 209 4.55 -13.86 -15.27
N ALA C 210 3.27 -14.08 -14.99
CA ALA C 210 2.40 -12.97 -14.60
C ALA C 210 2.81 -12.37 -13.26
N ASP C 211 3.48 -13.16 -12.41
CA ASP C 211 3.80 -12.70 -11.07
C ASP C 211 4.67 -11.46 -11.10
N ILE C 212 5.45 -11.25 -12.17
CA ILE C 212 6.31 -10.07 -12.22
C ILE C 212 5.46 -8.81 -12.13
N GLU C 213 4.30 -8.80 -12.81
CA GLU C 213 3.42 -7.64 -12.71
C GLU C 213 3.03 -7.39 -11.25
N LEU C 214 2.64 -8.46 -10.54
CA LEU C 214 2.33 -8.30 -9.13
C LEU C 214 3.50 -7.72 -8.38
N GLN C 215 4.70 -8.29 -8.60
CA GLN C 215 5.87 -7.77 -7.92
C GLN C 215 6.07 -6.32 -8.27
N LYS C 216 5.93 -5.97 -9.55
CA LYS C 216 6.07 -4.59 -9.96
C LYS C 216 5.15 -3.71 -9.13
N SER C 217 3.87 -4.10 -9.06
CA SER C 217 2.90 -3.29 -8.34
C SER C 217 3.35 -3.13 -6.89
N GLU C 218 3.70 -4.24 -6.25
CA GLU C 218 3.98 -4.15 -4.82
C GLU C 218 5.21 -3.31 -4.59
N GLU C 219 6.21 -3.45 -5.47
CA GLU C 219 7.43 -2.68 -5.26
C GLU C 219 7.12 -1.20 -5.38
N GLU C 220 6.40 -0.84 -6.45
CA GLU C 220 6.08 0.56 -6.63
C GLU C 220 5.25 1.07 -5.46
N LEU C 221 4.37 0.21 -4.92
CA LEU C 221 3.59 0.62 -3.77
C LEU C 221 4.50 0.97 -2.61
N GLU C 222 5.43 0.07 -2.28
CA GLU C 222 6.34 0.36 -1.18
C GLU C 222 7.23 1.53 -1.52
N ALA C 223 7.51 1.74 -2.81
CA ALA C 223 8.38 2.83 -3.21
C ALA C 223 7.69 4.19 -3.10
N ILE C 224 6.38 4.21 -2.84
CA ILE C 224 5.71 5.49 -2.62
C ILE C 224 6.36 6.24 -1.47
N SER C 225 6.76 5.51 -0.42
CA SER C 225 7.21 6.12 0.83
C SER C 225 8.56 5.61 1.34
N ARG C 226 8.96 4.41 0.94
CA ARG C 226 10.29 3.90 1.30
C ARG C 226 11.04 3.70 0.00
#